data_7VW5
#
_entry.id   7VW5
#
_cell.length_a   67.450
_cell.length_b   68.940
_cell.length_c   71.420
_cell.angle_alpha   116.311
_cell.angle_beta   107.050
_cell.angle_gamma   95.104
#
_symmetry.space_group_name_H-M   'P 1'
#
loop_
_entity.id
_entity.type
_entity.pdbx_description
1 polymer 'RNA-directed RNA polymerase nsP4'
2 non-polymer 'MAGNESIUM ION'
3 water water
#
_entity_poly.entity_id   1
_entity_poly.type   'polypeptide(L)'
_entity_poly.pdbx_seq_one_letter_code
;TDQPECYKITYPKPLYSSSVPANYSDPQFAVAVCNNYLHENYPTVASYQITDEYDAYLDMVDGTVACLDTATFSPAKLRS
YPKKHEYRAPNIRSAVPSAMQNTLQNVLIAATKRNCNVTQMRELPTLDSATFNVECFRKYACNDEYWEEFARKPIRITTE
FVTAYVARLKGPKAAALFAKTYNLVPLQEVPMDRFVMDMKRDVKVTPGTKHTEERPKVQVIQAAEPLATAYLCGIHRELV
RRLTAVLLPNIHTLFDMSAEDFDAIIAEHFKQGDPVLETDIASFDKSQDDAMALTGLMILEDLGVDQPLLDLIECAFGEI
SSTHLPTGTRFKFGAMMKSGMFLTLFVNTVLNVVIASRVLEERLKTSRCAAFIGDDNIIHGVVSDKEMAERCATWLNMEV
KIIDAVIGERPPYFCGGFILQDSVTSTACRVADPLKRLFKLGKPLPADDEQDEDRRRALLDETKAWFRVGITGTLAVAVT
TRYEVDNITPVLLALRTFAQSKRAFQAIRGEIKHLYGGPK
;
_entity_poly.pdbx_strand_id   A,B
#
# COMPACT_ATOMS: atom_id res chain seq x y z
N PRO A 14 27.91 -20.34 11.75
CA PRO A 14 26.68 -20.98 11.27
C PRO A 14 26.95 -22.37 10.71
N LEU A 15 26.23 -23.36 11.21
CA LEU A 15 26.35 -24.75 10.76
C LEU A 15 25.10 -25.12 9.98
N TYR A 16 25.24 -25.27 8.68
CA TYR A 16 24.14 -25.67 7.81
C TYR A 16 24.27 -27.15 7.46
N SER A 17 23.14 -27.85 7.47
CA SER A 17 23.13 -29.22 7.00
C SER A 17 23.31 -29.25 5.48
N SER A 18 23.73 -30.41 4.98
CA SER A 18 24.06 -30.54 3.57
C SER A 18 22.85 -30.27 2.70
N SER A 19 23.00 -29.32 1.77
CA SER A 19 21.93 -28.95 0.85
C SER A 19 22.06 -29.74 -0.44
N VAL A 20 21.04 -30.54 -0.74
CA VAL A 20 21.01 -31.30 -2.00
C VAL A 20 19.67 -31.08 -2.67
N PRO A 21 19.61 -30.24 -3.71
CA PRO A 21 18.33 -29.90 -4.32
C PRO A 21 17.90 -30.94 -5.36
N ALA A 22 16.64 -30.81 -5.77
CA ALA A 22 16.09 -31.66 -6.81
C ALA A 22 15.09 -30.84 -7.61
N ASN A 23 14.90 -31.21 -8.88
CA ASN A 23 14.06 -30.46 -9.79
C ASN A 23 13.27 -31.41 -10.67
N TYR A 24 12.37 -30.84 -11.47
CA TYR A 24 11.59 -31.60 -12.42
C TYR A 24 12.32 -31.68 -13.76
N SER A 25 11.91 -32.66 -14.57
CA SER A 25 12.57 -32.90 -15.85
C SER A 25 12.25 -31.86 -16.92
N ASP A 26 11.23 -31.03 -16.70
CA ASP A 26 10.82 -30.03 -17.68
C ASP A 26 10.32 -28.79 -16.96
N PRO A 27 10.70 -27.60 -17.41
CA PRO A 27 10.16 -26.39 -16.78
C PRO A 27 8.65 -26.29 -16.83
N GLN A 28 8.01 -26.89 -17.83
CA GLN A 28 6.55 -26.84 -17.90
C GLN A 28 5.90 -27.64 -16.78
N PHE A 29 6.59 -28.65 -16.26
CA PHE A 29 6.10 -29.34 -15.08
C PHE A 29 6.15 -28.43 -13.85
N ALA A 30 7.18 -27.59 -13.77
CA ALA A 30 7.27 -26.64 -12.68
C ALA A 30 6.21 -25.55 -12.78
N VAL A 31 5.85 -25.17 -14.01
CA VAL A 31 4.80 -24.17 -14.20
C VAL A 31 3.46 -24.71 -13.73
N ALA A 32 3.16 -25.96 -14.10
CA ALA A 32 1.88 -26.55 -13.72
C ALA A 32 1.80 -26.79 -12.22
N VAL A 33 2.92 -27.16 -11.59
CA VAL A 33 2.92 -27.42 -10.15
C VAL A 33 2.64 -26.14 -9.38
N CYS A 34 3.27 -25.03 -9.77
CA CYS A 34 3.02 -23.76 -9.10
C CYS A 34 1.59 -23.30 -9.29
N ASN A 35 1.05 -23.44 -10.51
CA ASN A 35 -0.32 -23.03 -10.76
C ASN A 35 -1.32 -23.93 -10.05
N ASN A 36 -1.06 -25.24 -10.02
CA ASN A 36 -1.97 -26.16 -9.34
C ASN A 36 -1.97 -25.94 -7.84
N TYR A 37 -0.82 -25.61 -7.27
CA TYR A 37 -0.73 -25.38 -5.82
C TYR A 37 -1.58 -24.17 -5.42
N LEU A 38 -1.42 -23.05 -6.13
CA LEU A 38 -2.21 -21.87 -5.84
C LEU A 38 -3.69 -22.11 -6.11
N HIS A 39 -4.01 -22.97 -7.07
CA HIS A 39 -5.41 -23.33 -7.32
C HIS A 39 -5.98 -24.15 -6.17
N GLU A 40 -5.21 -25.13 -5.68
CA GLU A 40 -5.68 -26.01 -4.62
C GLU A 40 -5.81 -25.30 -3.28
N ASN A 41 -5.06 -24.22 -3.07
CA ASN A 41 -5.02 -23.53 -1.79
C ASN A 41 -5.76 -22.19 -1.83
N TYR A 42 -6.57 -21.96 -2.86
CA TYR A 42 -7.52 -20.86 -2.88
C TYR A 42 -8.86 -21.33 -2.31
N PRO A 43 -9.56 -20.52 -1.50
CA PRO A 43 -9.25 -19.13 -1.14
C PRO A 43 -8.41 -18.96 0.12
N THR A 44 -7.82 -20.04 0.64
CA THR A 44 -7.04 -19.95 1.87
C THR A 44 -5.94 -18.90 1.75
N VAL A 45 -5.21 -18.93 0.64
CA VAL A 45 -4.24 -17.88 0.31
C VAL A 45 -4.48 -17.45 -1.13
N ALA A 46 -4.14 -16.20 -1.42
CA ALA A 46 -4.25 -15.65 -2.75
C ALA A 46 -3.07 -14.73 -3.02
N SER A 47 -2.48 -14.84 -4.20
CA SER A 47 -1.32 -14.04 -4.55
C SER A 47 -1.69 -12.57 -4.56
N TYR A 48 -0.79 -11.73 -4.03
CA TYR A 48 -1.03 -10.29 -4.00
C TYR A 48 -0.95 -9.66 -5.38
N GLN A 49 -0.55 -10.42 -6.41
CA GLN A 49 -0.59 -9.91 -7.78
C GLN A 49 -2.01 -9.64 -8.24
N ILE A 50 -3.00 -10.31 -7.64
CA ILE A 50 -4.39 -10.06 -7.99
C ILE A 50 -4.78 -8.63 -7.60
N THR A 51 -4.55 -8.26 -6.34
CA THR A 51 -4.85 -6.90 -5.91
C THR A 51 -3.89 -5.90 -6.52
N ASP A 52 -2.67 -6.31 -6.83
CA ASP A 52 -1.74 -5.42 -7.53
C ASP A 52 -2.23 -5.14 -8.95
N GLU A 53 -2.82 -6.15 -9.60
CA GLU A 53 -3.43 -5.91 -10.91
C GLU A 53 -4.65 -5.01 -10.80
N TYR A 54 -5.42 -5.17 -9.72
CA TYR A 54 -6.52 -4.23 -9.45
C TYR A 54 -6.00 -2.81 -9.39
N ASP A 55 -5.03 -2.56 -8.50
CA ASP A 55 -4.50 -1.21 -8.32
C ASP A 55 -4.00 -0.62 -9.64
N ALA A 56 -3.32 -1.43 -10.45
CA ALA A 56 -2.84 -0.94 -11.74
C ALA A 56 -3.99 -0.55 -12.66
N TYR A 57 -5.12 -1.27 -12.57
CA TYR A 57 -6.26 -0.93 -13.41
C TYR A 57 -7.01 0.29 -12.90
N LEU A 58 -7.22 0.37 -11.58
CA LEU A 58 -7.85 1.56 -11.01
C LEU A 58 -7.07 2.82 -11.33
N ASP A 59 -5.74 2.78 -11.11
CA ASP A 59 -4.92 3.95 -11.37
C ASP A 59 -4.94 4.33 -12.85
N MET A 60 -5.15 3.36 -13.73
CA MET A 60 -5.18 3.66 -15.16
C MET A 60 -6.46 4.36 -15.57
N VAL A 61 -7.60 3.93 -15.02
CA VAL A 61 -8.89 4.46 -15.44
C VAL A 61 -9.35 5.56 -14.50
N ASP A 62 -8.46 5.98 -13.59
CA ASP A 62 -8.67 7.14 -12.74
C ASP A 62 -9.85 6.95 -11.79
N GLY A 63 -9.70 5.97 -10.90
CA GLY A 63 -10.56 5.85 -9.74
C GLY A 63 -11.61 4.76 -9.88
N THR A 64 -12.47 4.71 -8.86
CA THR A 64 -13.47 3.66 -8.71
C THR A 64 -14.69 3.89 -9.59
N VAL A 65 -15.24 5.11 -9.55
CA VAL A 65 -16.48 5.38 -10.30
C VAL A 65 -16.23 5.27 -11.80
N ALA A 66 -15.05 5.70 -12.25
CA ALA A 66 -14.67 5.54 -13.64
C ALA A 66 -14.27 4.11 -13.99
N CYS A 67 -14.27 3.21 -13.01
CA CYS A 67 -14.02 1.79 -13.26
C CYS A 67 -15.35 1.07 -13.46
N LEU A 68 -16.00 1.40 -14.56
CA LEU A 68 -17.33 0.89 -14.89
C LEU A 68 -17.35 0.20 -16.25
N ASP A 69 -16.20 0.02 -16.89
CA ASP A 69 -16.14 -0.49 -18.25
C ASP A 69 -16.54 -1.95 -18.36
N THR A 70 -17.81 -2.25 -18.15
CA THR A 70 -18.39 -3.54 -18.47
C THR A 70 -19.22 -3.43 -19.75
N ALA A 71 -19.64 -4.58 -20.27
CA ALA A 71 -20.51 -4.58 -21.44
C ALA A 71 -21.80 -3.83 -21.13
N THR A 72 -22.46 -4.17 -20.03
CA THR A 72 -23.60 -3.41 -19.51
C THR A 72 -23.24 -2.95 -18.11
N PHE A 73 -23.25 -1.63 -17.91
CA PHE A 73 -22.68 -1.05 -16.71
C PHE A 73 -23.46 -1.45 -15.46
N SER A 74 -22.74 -1.49 -14.33
CA SER A 74 -23.30 -1.86 -13.04
C SER A 74 -23.96 -3.22 -13.08
N ALA A 89 -20.42 12.86 -21.21
CA ALA A 89 -20.79 12.47 -19.85
C ALA A 89 -19.71 11.58 -19.24
N PRO A 90 -18.72 12.19 -18.60
CA PRO A 90 -17.66 11.42 -17.94
C PRO A 90 -18.07 10.99 -16.53
N ASN A 91 -17.23 10.15 -15.94
CA ASN A 91 -17.46 9.62 -14.61
C ASN A 91 -16.66 10.41 -13.58
N ILE A 92 -16.80 10.02 -12.32
CA ILE A 92 -16.03 10.63 -11.24
C ILE A 92 -14.62 10.08 -11.28
N ARG A 93 -13.65 10.95 -11.54
CA ARG A 93 -12.26 10.56 -11.70
C ARG A 93 -11.46 11.03 -10.49
N SER A 94 -10.77 10.09 -9.84
CA SER A 94 -9.97 10.36 -8.66
C SER A 94 -8.52 10.01 -8.93
N ALA A 95 -7.61 10.89 -8.51
CA ALA A 95 -6.18 10.67 -8.69
C ALA A 95 -5.52 10.02 -7.47
N VAL A 96 -6.30 9.68 -6.45
CA VAL A 96 -5.73 9.05 -5.26
C VAL A 96 -5.28 7.64 -5.61
N PRO A 97 -4.05 7.24 -5.27
CA PRO A 97 -3.58 5.90 -5.62
C PRO A 97 -4.43 4.82 -4.96
N SER A 98 -4.69 3.75 -5.71
CA SER A 98 -5.53 2.66 -5.22
C SER A 98 -4.71 1.70 -4.37
N ALA A 99 -5.36 1.16 -3.33
CA ALA A 99 -4.76 0.19 -2.42
C ALA A 99 -5.82 -0.86 -2.10
N MET A 100 -6.14 -1.68 -3.10
CA MET A 100 -7.22 -2.64 -2.98
C MET A 100 -6.80 -3.84 -2.12
N GLN A 101 -7.78 -4.42 -1.45
CA GLN A 101 -7.60 -5.64 -0.68
C GLN A 101 -8.59 -6.69 -1.16
N ASN A 102 -8.15 -7.95 -1.15
CA ASN A 102 -8.97 -9.05 -1.67
C ASN A 102 -10.12 -9.34 -0.71
N THR A 103 -11.13 -8.46 -0.75
CA THR A 103 -12.31 -8.66 0.09
C THR A 103 -13.11 -9.88 -0.35
N LEU A 104 -13.13 -10.17 -1.65
CA LEU A 104 -13.86 -11.33 -2.14
C LEU A 104 -13.25 -12.63 -1.63
N GLN A 105 -11.91 -12.68 -1.54
CA GLN A 105 -11.26 -13.86 -1.02
C GLN A 105 -11.64 -14.10 0.44
N ASN A 106 -11.69 -13.04 1.24
CA ASN A 106 -12.05 -13.19 2.64
C ASN A 106 -13.51 -13.59 2.81
N VAL A 107 -14.38 -13.15 1.89
CA VAL A 107 -15.78 -13.57 1.93
C VAL A 107 -15.87 -15.07 1.64
N LEU A 108 -15.14 -15.54 0.63
CA LEU A 108 -15.15 -16.97 0.32
C LEU A 108 -14.55 -17.79 1.45
N ILE A 109 -13.55 -17.25 2.14
CA ILE A 109 -12.99 -17.94 3.30
C ILE A 109 -14.06 -18.12 4.38
N ALA A 110 -14.86 -17.08 4.62
CA ALA A 110 -15.94 -17.18 5.59
C ALA A 110 -17.00 -18.17 5.15
N ALA A 111 -17.13 -18.40 3.83
CA ALA A 111 -18.09 -19.38 3.35
C ALA A 111 -17.63 -20.80 3.64
N THR A 112 -16.32 -21.06 3.55
CA THR A 112 -15.81 -22.39 3.86
C THR A 112 -15.85 -22.67 5.36
N LYS A 113 -15.47 -21.68 6.18
CA LYS A 113 -15.54 -21.83 7.63
C LYS A 113 -16.97 -21.97 8.13
N ARG A 114 -17.96 -21.64 7.30
CA ARG A 114 -19.37 -21.79 7.66
C ARG A 114 -19.99 -23.07 7.09
N ASN A 115 -19.66 -23.44 5.85
CA ASN A 115 -20.13 -24.69 5.30
C ASN A 115 -19.59 -25.88 6.10
N CYS A 116 -18.30 -25.86 6.42
CA CYS A 116 -17.70 -26.80 7.33
C CYS A 116 -17.55 -26.13 8.70
N ASN A 117 -16.74 -26.72 9.58
CA ASN A 117 -16.43 -26.15 10.89
C ASN A 117 -17.71 -25.87 11.69
N VAL A 118 -18.54 -26.90 11.81
CA VAL A 118 -19.73 -26.78 12.66
C VAL A 118 -19.34 -26.63 14.12
N THR A 119 -18.10 -26.98 14.46
CA THR A 119 -17.59 -26.74 15.81
C THR A 119 -17.33 -25.25 15.99
N GLN A 120 -18.05 -24.63 16.93
CA GLN A 120 -17.93 -23.20 17.17
C GLN A 120 -16.65 -22.93 17.96
N MET A 121 -15.55 -22.77 17.25
CA MET A 121 -14.27 -22.42 17.86
C MET A 121 -14.18 -20.91 18.07
N ARG A 122 -15.09 -20.40 18.91
CA ARG A 122 -15.26 -18.98 19.14
C ARG A 122 -15.48 -18.22 17.83
N GLU A 123 -16.19 -18.85 16.89
CA GLU A 123 -16.74 -18.17 15.74
C GLU A 123 -18.15 -17.65 16.01
N LEU A 124 -18.71 -18.00 17.16
CA LEU A 124 -20.01 -17.51 17.63
C LEU A 124 -19.96 -16.03 17.99
N PRO A 125 -18.93 -15.52 18.67
CA PRO A 125 -18.83 -14.06 18.79
C PRO A 125 -18.61 -13.37 17.45
N THR A 126 -17.92 -14.02 16.51
CA THR A 126 -17.89 -13.52 15.13
C THR A 126 -19.29 -13.56 14.52
N LEU A 127 -20.05 -14.61 14.81
CA LEU A 127 -21.41 -14.71 14.28
C LEU A 127 -22.33 -13.67 14.91
N ASP A 128 -22.20 -13.44 16.22
CA ASP A 128 -23.04 -12.45 16.88
C ASP A 128 -22.71 -11.04 16.39
N SER A 129 -21.43 -10.76 16.14
CA SER A 129 -21.05 -9.44 15.64
C SER A 129 -21.57 -9.22 14.23
N ALA A 130 -21.42 -10.21 13.37
CA ALA A 130 -21.90 -10.08 11.99
C ALA A 130 -23.42 -10.00 11.95
N THR A 131 -24.10 -10.74 12.84
CA THR A 131 -25.55 -10.68 12.89
C THR A 131 -26.03 -9.29 13.30
N PHE A 132 -25.37 -8.69 14.29
CA PHE A 132 -25.72 -7.34 14.70
C PHE A 132 -25.43 -6.32 13.59
N ASN A 133 -24.37 -6.55 12.82
CA ASN A 133 -24.07 -5.67 11.69
C ASN A 133 -25.17 -5.70 10.65
N VAL A 134 -25.66 -6.90 10.32
CA VAL A 134 -26.77 -7.02 9.38
C VAL A 134 -28.03 -6.39 9.96
N GLU A 135 -28.21 -6.47 11.27
CA GLU A 135 -29.36 -5.85 11.92
C GLU A 135 -29.33 -4.34 11.76
N CYS A 136 -28.17 -3.73 12.02
CA CYS A 136 -28.05 -2.28 11.85
C CYS A 136 -28.19 -1.88 10.38
N PHE A 137 -27.63 -2.70 9.47
CA PHE A 137 -27.74 -2.40 8.05
C PHE A 137 -29.20 -2.41 7.60
N ARG A 138 -30.00 -3.35 8.07
CA ARG A 138 -31.41 -3.41 7.70
C ARG A 138 -32.21 -2.30 8.36
N LYS A 139 -31.89 -1.98 9.62
CA LYS A 139 -32.74 -1.07 10.39
C LYS A 139 -32.58 0.37 9.94
N TYR A 140 -31.36 0.79 9.62
CA TYR A 140 -31.08 2.19 9.36
C TYR A 140 -30.78 2.50 7.90
N ALA A 141 -30.59 1.49 7.05
CA ALA A 141 -30.20 1.74 5.67
C ALA A 141 -31.08 1.03 4.64
N CYS A 142 -32.07 0.26 5.05
CA CYS A 142 -32.81 -0.57 4.12
C CYS A 142 -34.30 -0.53 4.40
N ASN A 143 -35.07 -0.94 3.40
CA ASN A 143 -36.46 -1.33 3.57
C ASN A 143 -36.55 -2.85 3.66
N ASP A 144 -37.69 -3.34 4.13
CA ASP A 144 -37.92 -4.76 4.32
C ASP A 144 -38.83 -5.36 3.25
N GLU A 145 -38.89 -4.72 2.07
CA GLU A 145 -39.87 -5.13 1.07
C GLU A 145 -39.38 -6.30 0.22
N TYR A 146 -38.08 -6.40 -0.03
CA TYR A 146 -37.56 -7.32 -1.04
C TYR A 146 -36.80 -8.51 -0.46
N TRP A 147 -36.70 -8.63 0.87
CA TRP A 147 -35.90 -9.71 1.43
C TRP A 147 -36.55 -11.08 1.18
N GLU A 148 -37.87 -11.16 1.28
CA GLU A 148 -38.54 -12.43 1.02
C GLU A 148 -38.41 -12.86 -0.43
N GLU A 149 -38.53 -11.90 -1.35
CA GLU A 149 -38.38 -12.22 -2.78
C GLU A 149 -36.99 -12.74 -3.09
N PHE A 150 -35.95 -12.12 -2.52
CA PHE A 150 -34.58 -12.52 -2.81
C PHE A 150 -34.25 -13.86 -2.17
N ALA A 151 -34.93 -14.22 -1.07
CA ALA A 151 -34.66 -15.50 -0.42
C ALA A 151 -35.20 -16.65 -1.26
N ARG A 152 -36.42 -16.53 -1.78
CA ARG A 152 -37.03 -17.58 -2.59
C ARG A 152 -36.58 -17.56 -4.04
N LYS A 153 -35.94 -16.47 -4.49
CA LYS A 153 -35.48 -16.34 -5.87
C LYS A 153 -34.02 -15.93 -5.87
N PRO A 154 -33.11 -16.90 -5.82
CA PRO A 154 -31.68 -16.57 -5.88
C PRO A 154 -31.29 -16.05 -7.25
N ILE A 155 -30.12 -15.43 -7.31
CA ILE A 155 -29.64 -14.81 -8.55
C ILE A 155 -29.30 -15.91 -9.55
N ARG A 156 -29.94 -15.87 -10.71
CA ARG A 156 -29.66 -16.79 -11.80
C ARG A 156 -29.60 -16.01 -13.10
N ILE A 157 -28.54 -16.21 -13.87
CA ILE A 157 -28.33 -15.47 -15.12
C ILE A 157 -28.91 -16.28 -16.27
N THR A 158 -29.65 -15.60 -17.14
CA THR A 158 -30.38 -16.25 -18.22
C THR A 158 -29.55 -16.31 -19.49
N THR A 159 -30.06 -17.07 -20.47
CA THR A 159 -29.44 -17.16 -21.78
C THR A 159 -29.41 -15.80 -22.47
N GLU A 160 -30.43 -14.97 -22.23
CA GLU A 160 -30.54 -13.70 -22.94
C GLU A 160 -29.42 -12.74 -22.56
N PHE A 161 -29.03 -12.72 -21.29
CA PHE A 161 -27.96 -11.81 -20.87
C PHE A 161 -26.62 -12.25 -21.44
N VAL A 162 -26.26 -13.52 -21.25
CA VAL A 162 -24.95 -13.99 -21.68
C VAL A 162 -24.82 -13.92 -23.20
N THR A 163 -25.92 -14.05 -23.93
CA THR A 163 -25.88 -13.86 -25.38
C THR A 163 -25.73 -12.39 -25.73
N ALA A 164 -26.44 -11.51 -25.02
CA ALA A 164 -26.28 -10.08 -25.26
C ALA A 164 -24.93 -9.58 -24.79
N TYR A 165 -24.34 -10.24 -23.78
CA TYR A 165 -23.01 -9.86 -23.32
C TYR A 165 -21.96 -10.09 -24.39
N VAL A 166 -21.98 -11.27 -25.02
CA VAL A 166 -21.03 -11.55 -26.09
C VAL A 166 -21.33 -10.71 -27.32
N ALA A 167 -22.62 -10.47 -27.59
CA ALA A 167 -22.99 -9.64 -28.72
C ALA A 167 -22.48 -8.21 -28.57
N ARG A 168 -22.36 -7.72 -27.34
CA ARG A 168 -21.84 -6.37 -27.11
C ARG A 168 -20.33 -6.29 -27.32
N LEU A 169 -19.64 -7.43 -27.38
CA LEU A 169 -18.19 -7.46 -27.52
C LEU A 169 -17.74 -7.93 -28.90
N LYS A 170 -18.21 -9.09 -29.35
CA LYS A 170 -17.70 -9.72 -30.56
C LYS A 170 -18.71 -9.72 -31.70
N GLY A 171 -19.79 -8.97 -31.59
CA GLY A 171 -20.76 -8.86 -32.65
C GLY A 171 -21.96 -9.75 -32.47
N PRO A 172 -23.08 -9.41 -33.12
CA PRO A 172 -24.30 -10.21 -32.96
C PRO A 172 -24.18 -11.63 -33.48
N LYS A 173 -23.38 -11.85 -34.54
CA LYS A 173 -23.24 -13.20 -35.06
C LYS A 173 -22.44 -14.08 -34.12
N ALA A 174 -21.35 -13.55 -33.56
CA ALA A 174 -20.55 -14.33 -32.62
C ALA A 174 -21.35 -14.74 -31.40
N ALA A 175 -22.40 -13.97 -31.07
CA ALA A 175 -23.30 -14.38 -29.99
C ALA A 175 -24.19 -15.54 -30.42
N ALA A 176 -24.50 -15.64 -31.72
CA ALA A 176 -25.29 -16.76 -32.22
C ALA A 176 -24.50 -18.06 -32.12
N LEU A 177 -23.22 -18.04 -32.54
CA LEU A 177 -22.36 -19.20 -32.32
C LEU A 177 -22.16 -19.46 -30.84
N PHE A 178 -22.16 -18.41 -30.02
CA PHE A 178 -22.01 -18.57 -28.58
C PHE A 178 -23.13 -19.42 -27.99
N ALA A 179 -24.37 -19.13 -28.38
CA ALA A 179 -25.51 -19.86 -27.84
C ALA A 179 -25.57 -21.28 -28.38
N LYS A 180 -25.26 -21.46 -29.66
CA LYS A 180 -25.32 -22.79 -30.26
C LYS A 180 -24.14 -23.67 -29.88
N THR A 181 -23.03 -23.07 -29.45
CA THR A 181 -21.89 -23.88 -29.00
C THR A 181 -22.17 -24.51 -27.65
N TYR A 182 -22.79 -23.75 -26.74
CA TYR A 182 -23.09 -24.23 -25.39
C TYR A 182 -24.53 -24.66 -25.22
N ASN A 183 -25.30 -24.71 -26.30
CA ASN A 183 -26.67 -25.21 -26.30
C ASN A 183 -27.54 -24.46 -25.30
N LEU A 184 -27.72 -23.17 -25.54
CA LEU A 184 -28.49 -22.29 -24.68
C LEU A 184 -29.90 -22.14 -25.23
N VAL A 185 -30.89 -22.35 -24.36
CA VAL A 185 -32.30 -22.28 -24.75
C VAL A 185 -32.81 -20.87 -24.46
N PRO A 186 -33.54 -20.25 -25.38
CA PRO A 186 -34.03 -18.88 -25.14
C PRO A 186 -34.98 -18.80 -23.94
N LEU A 187 -34.92 -17.66 -23.25
CA LEU A 187 -35.64 -17.41 -22.00
C LEU A 187 -35.55 -18.60 -21.06
N GLN A 188 -34.32 -19.01 -20.79
CA GLN A 188 -34.02 -20.07 -19.83
C GLN A 188 -32.73 -19.71 -19.12
N GLU A 189 -32.71 -19.92 -17.80
CA GLU A 189 -31.50 -19.72 -17.03
C GLU A 189 -30.41 -20.67 -17.54
N VAL A 190 -29.18 -20.14 -17.64
CA VAL A 190 -28.05 -20.94 -18.10
C VAL A 190 -27.80 -22.05 -17.10
N PRO A 191 -27.96 -23.32 -17.49
CA PRO A 191 -27.70 -24.41 -16.54
C PRO A 191 -26.25 -24.43 -16.11
N MET A 192 -26.03 -24.69 -14.82
CA MET A 192 -24.67 -24.66 -14.29
C MET A 192 -23.82 -25.79 -14.84
N ASP A 193 -24.43 -26.93 -15.19
CA ASP A 193 -23.68 -28.06 -15.71
C ASP A 193 -23.00 -27.76 -17.04
N ARG A 194 -23.25 -26.59 -17.63
CA ARG A 194 -22.63 -26.23 -18.90
C ARG A 194 -21.21 -25.71 -18.75
N PHE A 195 -20.84 -25.19 -17.58
CA PHE A 195 -19.54 -24.57 -17.43
C PHE A 195 -18.79 -24.96 -16.16
N VAL A 196 -19.40 -25.73 -15.25
CA VAL A 196 -18.71 -26.17 -14.03
C VAL A 196 -19.08 -27.62 -13.76
N MET A 197 -18.07 -28.46 -13.61
CA MET A 197 -18.25 -29.88 -13.27
C MET A 197 -16.90 -30.51 -12.91
N ASP A 198 -16.84 -31.19 -11.77
CA ASP A 198 -15.64 -31.89 -11.32
C ASP A 198 -14.42 -30.98 -11.28
N GLN A 219 -15.43 -27.16 -7.94
CA GLN A 219 -15.22 -27.80 -9.24
C GLN A 219 -14.26 -26.99 -10.11
N VAL A 220 -14.37 -27.14 -11.43
CA VAL A 220 -13.47 -26.49 -12.36
C VAL A 220 -14.27 -26.00 -13.56
N ILE A 221 -13.82 -24.89 -14.14
CA ILE A 221 -14.42 -24.37 -15.37
C ILE A 221 -14.03 -25.29 -16.52
N GLN A 222 -15.01 -26.01 -17.07
CA GLN A 222 -14.75 -27.06 -18.06
C GLN A 222 -14.74 -26.45 -19.46
N ALA A 223 -13.64 -25.74 -19.76
CA ALA A 223 -13.37 -25.18 -21.08
C ALA A 223 -14.49 -24.24 -21.55
N ALA A 224 -15.28 -23.70 -20.64
CA ALA A 224 -16.32 -22.74 -20.99
C ALA A 224 -16.00 -21.37 -20.42
N GLU A 225 -14.80 -20.86 -20.73
CA GLU A 225 -14.37 -19.58 -20.17
C GLU A 225 -15.25 -18.41 -20.57
N PRO A 226 -15.64 -18.21 -21.83
CA PRO A 226 -16.51 -17.07 -22.14
C PRO A 226 -17.92 -17.20 -21.57
N LEU A 227 -18.38 -18.43 -21.30
CA LEU A 227 -19.69 -18.60 -20.67
C LEU A 227 -19.63 -18.25 -19.18
N ALA A 228 -18.54 -18.63 -18.51
CA ALA A 228 -18.40 -18.32 -17.08
C ALA A 228 -18.25 -16.81 -16.87
N THR A 229 -17.39 -16.17 -17.66
CA THR A 229 -17.19 -14.72 -17.52
C THR A 229 -18.49 -13.97 -17.80
N ALA A 230 -19.27 -14.44 -18.78
CA ALA A 230 -20.55 -13.80 -19.07
C ALA A 230 -21.52 -13.96 -17.91
N TYR A 231 -21.51 -15.13 -17.26
CA TYR A 231 -22.43 -15.38 -16.15
C TYR A 231 -22.11 -14.47 -14.96
N LEU A 232 -20.83 -14.37 -14.60
CA LEU A 232 -20.45 -13.59 -13.43
C LEU A 232 -20.56 -12.09 -13.66
N CYS A 233 -20.58 -11.64 -14.92
CA CYS A 233 -20.89 -10.24 -15.19
C CYS A 233 -22.36 -9.94 -14.89
N GLY A 234 -23.24 -10.92 -15.10
CA GLY A 234 -24.64 -10.72 -14.78
C GLY A 234 -24.93 -10.75 -13.29
N ILE A 235 -24.08 -11.43 -12.52
CA ILE A 235 -24.25 -11.45 -11.07
C ILE A 235 -24.02 -10.05 -10.50
N HIS A 236 -22.99 -9.35 -10.99
CA HIS A 236 -22.73 -8.00 -10.53
C HIS A 236 -23.86 -7.06 -10.93
N ARG A 237 -24.40 -7.21 -12.13
CA ARG A 237 -25.53 -6.38 -12.56
C ARG A 237 -26.75 -6.62 -11.70
N GLU A 238 -27.04 -7.88 -11.39
CA GLU A 238 -28.19 -8.19 -10.54
C GLU A 238 -27.94 -7.76 -9.10
N LEU A 239 -26.70 -7.87 -8.63
CA LEU A 239 -26.38 -7.44 -7.27
C LEU A 239 -26.55 -5.94 -7.12
N VAL A 240 -26.14 -5.17 -8.15
CA VAL A 240 -26.33 -3.73 -8.11
C VAL A 240 -27.82 -3.38 -8.13
N ARG A 241 -28.59 -4.07 -8.99
CA ARG A 241 -30.02 -3.80 -9.08
C ARG A 241 -30.73 -4.15 -7.77
N ARG A 242 -30.36 -5.26 -7.14
CA ARG A 242 -31.05 -5.69 -5.93
C ARG A 242 -30.64 -4.87 -4.72
N LEU A 243 -29.38 -4.42 -4.64
CA LEU A 243 -28.98 -3.53 -3.57
C LEU A 243 -29.68 -2.18 -3.68
N THR A 244 -29.82 -1.66 -4.91
CA THR A 244 -30.53 -0.41 -5.12
C THR A 244 -31.99 -0.52 -4.69
N ALA A 245 -32.58 -1.72 -4.80
CA ALA A 245 -33.98 -1.89 -4.43
C ALA A 245 -34.17 -1.90 -2.92
N VAL A 246 -33.20 -2.43 -2.17
CA VAL A 246 -33.37 -2.54 -0.72
C VAL A 246 -32.96 -1.26 0.00
N LEU A 247 -32.03 -0.49 -0.55
CA LEU A 247 -31.54 0.70 0.12
C LEU A 247 -32.61 1.79 0.17
N LEU A 248 -32.62 2.55 1.26
CA LEU A 248 -33.53 3.67 1.38
C LEU A 248 -33.22 4.71 0.31
N PRO A 249 -34.22 5.47 -0.14
CA PRO A 249 -33.99 6.41 -1.25
C PRO A 249 -32.99 7.51 -0.93
N ASN A 250 -32.79 7.84 0.35
CA ASN A 250 -31.82 8.86 0.73
C ASN A 250 -30.39 8.33 0.79
N ILE A 251 -30.18 7.06 0.47
CA ILE A 251 -28.85 6.44 0.49
C ILE A 251 -28.50 6.04 -0.93
N HIS A 252 -27.42 6.62 -1.45
CA HIS A 252 -27.04 6.47 -2.85
C HIS A 252 -25.72 5.73 -2.97
N THR A 253 -25.69 4.71 -3.81
CA THR A 253 -24.45 4.06 -4.22
C THR A 253 -24.08 4.56 -5.61
N LEU A 254 -22.80 4.84 -5.81
CA LEU A 254 -22.32 5.50 -7.03
C LEU A 254 -21.79 4.50 -8.04
N PHE A 255 -22.53 3.42 -8.28
CA PHE A 255 -22.15 2.47 -9.32
C PHE A 255 -22.45 3.04 -10.71
N ASP A 256 -23.72 3.35 -10.97
CA ASP A 256 -24.15 3.94 -12.23
C ASP A 256 -24.51 5.40 -11.97
N MET A 257 -23.49 6.26 -12.00
CA MET A 257 -23.68 7.69 -11.77
C MET A 257 -22.55 8.45 -12.45
N SER A 258 -22.90 9.32 -13.39
CA SER A 258 -21.92 10.19 -14.01
C SER A 258 -21.53 11.32 -13.05
N ALA A 259 -20.51 12.07 -13.45
CA ALA A 259 -20.08 13.21 -12.64
C ALA A 259 -21.17 14.27 -12.55
N GLU A 260 -21.91 14.47 -13.64
CA GLU A 260 -22.98 15.46 -13.63
C GLU A 260 -24.21 14.96 -12.88
N ASP A 261 -24.55 13.68 -13.04
CA ASP A 261 -25.69 13.13 -12.32
C ASP A 261 -25.46 13.13 -10.81
N PHE A 262 -24.22 12.92 -10.37
CA PHE A 262 -23.91 13.04 -8.95
C PHE A 262 -23.91 14.49 -8.50
N ASP A 263 -23.49 15.41 -9.36
CA ASP A 263 -23.54 16.83 -9.02
C ASP A 263 -24.97 17.32 -8.84
N ALA A 264 -25.92 16.75 -9.58
CA ALA A 264 -27.32 17.12 -9.40
C ALA A 264 -27.81 16.75 -8.02
N ILE A 265 -27.37 15.59 -7.50
CA ILE A 265 -27.73 15.20 -6.15
C ILE A 265 -27.06 16.11 -5.13
N ILE A 266 -25.81 16.50 -5.41
CA ILE A 266 -25.10 17.41 -4.50
C ILE A 266 -25.75 18.78 -4.51
N ALA A 267 -26.11 19.29 -5.68
CA ALA A 267 -26.66 20.64 -5.79
C ALA A 267 -28.00 20.76 -5.09
N GLU A 268 -28.76 19.66 -5.00
CA GLU A 268 -30.10 19.72 -4.43
C GLU A 268 -30.09 19.67 -2.90
N HIS A 269 -29.15 18.94 -2.31
CA HIS A 269 -29.19 18.67 -0.88
C HIS A 269 -28.14 19.42 -0.07
N PHE A 270 -27.06 19.87 -0.69
CA PHE A 270 -25.92 20.45 0.03
C PHE A 270 -25.92 21.97 -0.21
N LYS A 271 -26.12 22.73 0.86
CA LYS A 271 -26.13 24.19 0.81
C LYS A 271 -25.08 24.73 1.78
N GLN A 272 -24.87 26.05 1.71
CA GLN A 272 -23.89 26.70 2.58
C GLN A 272 -24.24 26.50 4.04
N GLY A 273 -23.22 26.17 4.84
CA GLY A 273 -23.40 25.94 6.26
C GLY A 273 -23.87 24.56 6.63
N ASP A 274 -24.25 23.73 5.67
CA ASP A 274 -24.73 22.40 5.98
C ASP A 274 -23.58 21.53 6.47
N PRO A 275 -23.71 20.89 7.63
CA PRO A 275 -22.66 19.95 8.07
C PRO A 275 -22.70 18.67 7.27
N VAL A 276 -21.52 18.11 7.01
CA VAL A 276 -21.37 16.88 6.26
C VAL A 276 -20.43 15.96 7.03
N LEU A 277 -20.90 14.75 7.32
CA LEU A 277 -20.11 13.79 8.08
C LEU A 277 -19.40 12.83 7.13
N GLU A 278 -18.22 12.36 7.57
CA GLU A 278 -17.39 11.47 6.77
C GLU A 278 -16.75 10.44 7.70
N THR A 279 -16.93 9.16 7.37
CA THR A 279 -16.34 8.06 8.14
C THR A 279 -15.16 7.51 7.35
N ASP A 280 -13.95 7.83 7.78
CA ASP A 280 -12.74 7.38 7.11
C ASP A 280 -12.43 5.95 7.54
N ILE A 281 -12.63 5.00 6.63
CA ILE A 281 -12.36 3.59 6.87
C ILE A 281 -11.21 3.07 6.02
N ALA A 282 -10.51 3.96 5.33
CA ALA A 282 -9.46 3.53 4.40
C ALA A 282 -8.30 2.85 5.12
N SER A 283 -8.05 3.21 6.38
CA SER A 283 -6.98 2.61 7.15
C SER A 283 -7.38 1.34 7.88
N PHE A 284 -8.67 0.99 7.86
CA PHE A 284 -9.16 -0.20 8.55
C PHE A 284 -9.08 -1.39 7.61
N ASP A 285 -8.28 -2.40 7.99
CA ASP A 285 -8.15 -3.61 7.20
C ASP A 285 -9.28 -4.57 7.56
N LYS A 286 -10.03 -5.00 6.55
CA LYS A 286 -11.17 -5.88 6.80
C LYS A 286 -10.72 -7.28 7.23
N SER A 287 -9.53 -7.70 6.82
CA SER A 287 -9.08 -9.06 7.08
C SER A 287 -8.94 -9.34 8.58
N GLN A 288 -8.58 -8.34 9.37
CA GLN A 288 -8.46 -8.50 10.80
C GLN A 288 -9.81 -8.47 11.51
N ASP A 289 -10.91 -8.52 10.76
CA ASP A 289 -12.25 -8.74 11.31
C ASP A 289 -12.91 -9.84 10.50
N ASP A 290 -12.98 -11.04 11.07
CA ASP A 290 -13.72 -12.12 10.43
C ASP A 290 -15.22 -11.82 10.39
N ALA A 291 -15.70 -10.92 11.24
CA ALA A 291 -17.10 -10.52 11.20
C ALA A 291 -17.41 -9.67 9.98
N MET A 292 -16.45 -8.87 9.52
CA MET A 292 -16.67 -8.07 8.32
C MET A 292 -16.88 -8.95 7.10
N ALA A 293 -16.01 -9.95 6.92
CA ALA A 293 -16.18 -10.89 5.81
C ALA A 293 -17.44 -11.71 5.98
N LEU A 294 -17.78 -12.08 7.21
CA LEU A 294 -19.03 -12.80 7.45
C LEU A 294 -20.25 -11.90 7.24
N THR A 295 -20.13 -10.61 7.58
CA THR A 295 -21.22 -9.69 7.33
C THR A 295 -21.50 -9.54 5.84
N GLY A 296 -20.44 -9.35 5.04
CA GLY A 296 -20.63 -9.25 3.61
C GLY A 296 -21.20 -10.53 3.01
N LEU A 297 -20.80 -11.68 3.54
CA LEU A 297 -21.32 -12.95 3.06
C LEU A 297 -22.82 -13.08 3.35
N MET A 298 -23.24 -12.70 4.56
CA MET A 298 -24.65 -12.79 4.90
C MET A 298 -25.50 -11.86 4.04
N ILE A 299 -25.02 -10.64 3.81
CA ILE A 299 -25.76 -9.69 3.00
C ILE A 299 -25.80 -10.15 1.54
N LEU A 300 -24.69 -10.72 1.05
CA LEU A 300 -24.70 -11.32 -0.27
C LEU A 300 -25.73 -12.43 -0.37
N GLU A 301 -25.78 -13.31 0.64
CA GLU A 301 -26.79 -14.35 0.67
C GLU A 301 -28.19 -13.75 0.78
N ASP A 302 -28.34 -12.68 1.55
CA ASP A 302 -29.63 -12.02 1.65
C ASP A 302 -30.08 -11.44 0.32
N LEU A 303 -29.14 -11.13 -0.56
CA LEU A 303 -29.46 -10.58 -1.88
C LEU A 303 -29.69 -11.66 -2.93
N GLY A 304 -29.43 -12.92 -2.62
CA GLY A 304 -29.70 -14.00 -3.56
C GLY A 304 -28.49 -14.82 -3.94
N VAL A 305 -27.36 -14.57 -3.30
CA VAL A 305 -26.16 -15.37 -3.55
C VAL A 305 -26.23 -16.62 -2.69
N ASP A 306 -26.83 -17.68 -3.23
CA ASP A 306 -27.00 -18.92 -2.50
C ASP A 306 -25.76 -19.82 -2.67
N GLN A 307 -25.82 -21.01 -2.06
CA GLN A 307 -24.67 -21.90 -2.08
C GLN A 307 -24.24 -22.31 -3.49
N PRO A 308 -25.13 -22.67 -4.42
CA PRO A 308 -24.66 -22.95 -5.79
C PRO A 308 -23.97 -21.75 -6.43
N LEU A 309 -24.37 -20.54 -6.09
CA LEU A 309 -23.70 -19.35 -6.64
C LEU A 309 -22.31 -19.17 -6.04
N LEU A 310 -22.18 -19.38 -4.72
CA LEU A 310 -20.87 -19.24 -4.08
C LEU A 310 -19.90 -20.27 -4.61
N ASP A 311 -20.37 -21.51 -4.84
CA ASP A 311 -19.51 -22.54 -5.41
C ASP A 311 -19.05 -22.15 -6.81
N LEU A 312 -19.92 -21.50 -7.59
CA LEU A 312 -19.51 -21.03 -8.90
C LEU A 312 -18.51 -19.89 -8.79
N ILE A 313 -18.69 -19.01 -7.81
CA ILE A 313 -17.76 -17.89 -7.64
C ILE A 313 -16.40 -18.39 -7.18
N GLU A 314 -16.38 -19.28 -6.18
CA GLU A 314 -15.11 -19.79 -5.69
C GLU A 314 -14.38 -20.61 -6.75
N CYS A 315 -15.13 -21.35 -7.57
CA CYS A 315 -14.50 -22.15 -8.62
C CYS A 315 -13.91 -21.27 -9.71
N ALA A 316 -14.63 -20.21 -10.10
CA ALA A 316 -14.16 -19.36 -11.18
C ALA A 316 -12.92 -18.57 -10.77
N PHE A 317 -12.90 -18.06 -9.54
CA PHE A 317 -11.78 -17.24 -9.09
C PHE A 317 -10.63 -18.07 -8.52
N GLY A 318 -10.85 -19.36 -8.28
CA GLY A 318 -9.73 -20.26 -8.07
C GLY A 318 -9.03 -20.63 -9.37
N GLU A 319 -9.67 -20.37 -10.51
CA GLU A 319 -9.07 -20.69 -11.80
C GLU A 319 -8.06 -19.63 -12.23
N ILE A 320 -8.38 -18.35 -12.03
CA ILE A 320 -7.42 -17.30 -12.37
C ILE A 320 -6.26 -17.26 -11.39
N SER A 321 -6.45 -17.77 -10.17
CA SER A 321 -5.30 -18.00 -9.29
C SER A 321 -4.37 -19.06 -9.85
N SER A 322 -4.87 -19.93 -10.71
CA SER A 322 -4.06 -20.92 -11.42
C SER A 322 -3.47 -20.37 -12.71
N THR A 323 -3.72 -19.09 -13.03
CA THR A 323 -3.08 -18.42 -14.15
C THR A 323 -1.90 -17.57 -13.70
N HIS A 324 -1.21 -18.01 -12.64
CA HIS A 324 -0.07 -17.26 -12.11
C HIS A 324 1.07 -17.23 -13.11
N LEU A 325 1.51 -18.39 -13.58
CA LEU A 325 2.58 -18.52 -14.55
C LEU A 325 2.05 -19.08 -15.86
N PRO A 326 2.57 -18.61 -17.01
CA PRO A 326 3.60 -17.57 -17.13
C PRO A 326 3.04 -16.16 -16.90
N THR A 327 3.93 -15.21 -16.61
CA THR A 327 3.53 -13.88 -16.21
C THR A 327 3.29 -12.95 -17.38
N GLY A 328 4.12 -13.03 -18.42
CA GLY A 328 4.10 -12.03 -19.47
C GLY A 328 4.87 -10.79 -19.04
N THR A 329 4.79 -9.76 -19.87
CA THR A 329 5.47 -8.50 -19.60
C THR A 329 4.59 -7.48 -18.90
N ARG A 330 3.27 -7.61 -19.01
CA ARG A 330 2.35 -6.68 -18.37
C ARG A 330 1.09 -7.44 -17.96
N PHE A 331 0.30 -6.79 -17.09
CA PHE A 331 -0.99 -7.35 -16.71
C PHE A 331 -1.89 -7.45 -17.93
N LYS A 332 -2.47 -8.63 -18.15
CA LYS A 332 -3.32 -8.84 -19.32
C LYS A 332 -4.63 -8.07 -19.22
N PHE A 333 -5.06 -7.71 -18.00
CA PHE A 333 -6.28 -6.94 -17.78
C PHE A 333 -7.49 -7.64 -18.40
N GLY A 334 -7.69 -8.90 -18.01
CA GLY A 334 -8.77 -9.70 -18.55
C GLY A 334 -10.12 -9.39 -17.91
N ALA A 335 -11.16 -9.97 -18.50
CA ALA A 335 -12.52 -9.76 -18.01
C ALA A 335 -12.79 -10.52 -16.72
N MET A 336 -12.12 -11.66 -16.52
CA MET A 336 -12.25 -12.37 -15.25
C MET A 336 -11.63 -11.59 -14.11
N MET A 337 -10.53 -10.88 -14.38
CA MET A 337 -9.92 -10.01 -13.39
C MET A 337 -10.88 -8.88 -13.00
N LYS A 338 -11.53 -8.26 -14.00
CA LYS A 338 -12.42 -7.15 -13.73
C LYS A 338 -13.63 -7.60 -12.92
N SER A 339 -14.16 -8.79 -13.21
CA SER A 339 -15.33 -9.28 -12.50
C SER A 339 -15.06 -9.40 -11.01
N GLY A 340 -13.86 -9.86 -10.64
CA GLY A 340 -13.52 -9.95 -9.23
C GLY A 340 -13.29 -8.60 -8.58
N MET A 341 -12.73 -7.66 -9.35
CA MET A 341 -12.59 -6.29 -8.85
C MET A 341 -13.94 -5.68 -8.51
N PHE A 342 -14.91 -5.82 -9.44
CA PHE A 342 -16.23 -5.24 -9.20
C PHE A 342 -16.93 -5.92 -8.04
N LEU A 343 -16.82 -7.26 -7.94
CA LEU A 343 -17.39 -7.97 -6.80
C LEU A 343 -16.74 -7.52 -5.50
N THR A 344 -15.42 -7.30 -5.52
CA THR A 344 -14.74 -6.77 -4.34
C THR A 344 -15.21 -5.36 -4.03
N LEU A 345 -15.36 -4.53 -5.06
CA LEU A 345 -15.84 -3.16 -4.89
C LEU A 345 -17.28 -3.15 -4.37
N PHE A 346 -18.09 -4.10 -4.83
CA PHE A 346 -19.47 -4.18 -4.36
C PHE A 346 -19.53 -4.51 -2.88
N VAL A 347 -18.79 -5.53 -2.45
CA VAL A 347 -18.77 -5.92 -1.04
C VAL A 347 -18.19 -4.79 -0.19
N ASN A 348 -17.14 -4.13 -0.70
CA ASN A 348 -16.56 -3.00 0.03
C ASN A 348 -17.57 -1.88 0.22
N THR A 349 -18.35 -1.59 -0.83
CA THR A 349 -19.37 -0.53 -0.73
C THR A 349 -20.45 -0.91 0.26
N VAL A 350 -20.86 -2.18 0.27
CA VAL A 350 -21.90 -2.63 1.20
C VAL A 350 -21.39 -2.53 2.63
N LEU A 351 -20.18 -3.02 2.88
CA LEU A 351 -19.59 -2.92 4.22
C LEU A 351 -19.41 -1.47 4.63
N ASN A 352 -19.18 -0.57 3.67
CA ASN A 352 -19.14 0.86 3.96
C ASN A 352 -20.48 1.34 4.50
N VAL A 353 -21.58 0.90 3.89
CA VAL A 353 -22.91 1.26 4.38
C VAL A 353 -23.16 0.63 5.73
N VAL A 354 -22.67 -0.59 5.94
CA VAL A 354 -22.85 -1.28 7.22
C VAL A 354 -22.19 -0.49 8.34
N ILE A 355 -20.94 -0.08 8.13
CA ILE A 355 -20.21 0.68 9.15
C ILE A 355 -20.95 1.98 9.47
N ALA A 356 -21.46 2.65 8.43
CA ALA A 356 -22.22 3.88 8.66
C ALA A 356 -23.53 3.60 9.39
N SER A 357 -24.15 2.45 9.12
CA SER A 357 -25.42 2.13 9.77
C SER A 357 -25.23 1.87 11.25
N ARG A 358 -24.18 1.15 11.63
CA ARG A 358 -23.96 0.83 13.03
C ARG A 358 -23.49 2.05 13.82
N VAL A 359 -22.66 2.89 13.20
CA VAL A 359 -22.10 4.04 13.91
C VAL A 359 -23.13 5.16 14.02
N LEU A 360 -23.81 5.47 12.91
CA LEU A 360 -24.73 6.61 12.89
C LEU A 360 -26.12 6.26 13.39
N GLU A 361 -26.56 5.01 13.20
CA GLU A 361 -27.87 4.52 13.65
C GLU A 361 -28.95 5.38 13.01
N GLU A 362 -29.83 6.01 13.78
CA GLU A 362 -30.93 6.78 13.20
C GLU A 362 -30.46 8.01 12.44
N ARG A 363 -29.25 8.50 12.72
CA ARG A 363 -28.74 9.67 12.02
C ARG A 363 -28.54 9.39 10.54
N LEU A 364 -28.22 8.14 10.18
CA LEU A 364 -28.10 7.79 8.78
C LEU A 364 -29.47 7.69 8.12
N LYS A 365 -30.47 7.19 8.86
CA LYS A 365 -31.81 7.02 8.28
C LYS A 365 -32.48 8.37 8.02
N THR A 366 -32.26 9.33 8.91
CA THR A 366 -32.89 10.65 8.80
C THR A 366 -32.03 11.64 8.01
N SER A 367 -30.88 11.22 7.51
CA SER A 367 -30.04 12.11 6.72
C SER A 367 -30.70 12.40 5.37
N ARG A 368 -30.62 13.65 4.94
CA ARG A 368 -31.22 14.04 3.66
C ARG A 368 -30.56 13.33 2.49
N CYS A 369 -29.26 13.06 2.59
CA CYS A 369 -28.52 12.49 1.48
C CYS A 369 -27.23 11.85 1.98
N ALA A 370 -27.02 10.59 1.62
CA ALA A 370 -25.80 9.88 1.95
C ALA A 370 -25.32 9.11 0.73
N ALA A 371 -24.07 9.35 0.34
CA ALA A 371 -23.49 8.73 -0.85
C ALA A 371 -22.38 7.77 -0.43
N PHE A 372 -22.31 6.63 -1.11
CA PHE A 372 -21.33 5.60 -0.81
C PHE A 372 -20.77 5.02 -2.10
N ILE A 373 -19.46 4.82 -2.14
CA ILE A 373 -18.81 4.07 -3.20
C ILE A 373 -17.42 3.63 -2.72
N GLY A 374 -17.14 2.34 -2.77
CA GLY A 374 -15.90 1.84 -2.23
C GLY A 374 -15.83 2.09 -0.73
N ASP A 375 -14.75 2.75 -0.31
CA ASP A 375 -14.58 3.12 1.08
C ASP A 375 -14.92 4.58 1.34
N ASP A 376 -15.27 5.34 0.32
CA ASP A 376 -15.59 6.75 0.46
C ASP A 376 -17.07 6.95 0.75
N ASN A 377 -17.39 7.97 1.54
CA ASN A 377 -18.76 8.23 1.93
C ASN A 377 -18.88 9.66 2.45
N ILE A 378 -20.03 10.27 2.18
CA ILE A 378 -20.44 11.52 2.81
C ILE A 378 -21.86 11.36 3.30
N ILE A 379 -22.17 11.96 4.45
CA ILE A 379 -23.50 11.92 5.04
C ILE A 379 -23.89 13.33 5.43
N HIS A 380 -24.96 13.83 4.80
CA HIS A 380 -25.36 15.22 4.98
C HIS A 380 -26.07 15.44 6.31
N GLY A 381 -25.83 16.60 6.91
CA GLY A 381 -26.60 17.05 8.06
C GLY A 381 -26.40 16.26 9.33
N VAL A 382 -25.23 15.65 9.52
CA VAL A 382 -24.92 14.88 10.71
C VAL A 382 -23.63 15.41 11.32
N VAL A 383 -23.66 15.72 12.61
CA VAL A 383 -22.50 16.19 13.35
C VAL A 383 -22.16 15.14 14.41
N SER A 384 -20.89 14.78 14.50
CA SER A 384 -20.46 13.75 15.45
C SER A 384 -20.69 14.22 16.88
N ASP A 385 -21.03 13.28 17.74
CA ASP A 385 -21.24 13.53 19.16
C ASP A 385 -20.39 12.54 19.97
N LYS A 386 -20.57 12.59 21.30
CA LYS A 386 -19.77 11.73 22.17
C LYS A 386 -20.20 10.28 22.07
N GLU A 387 -21.52 10.03 22.02
CA GLU A 387 -22.00 8.66 21.92
C GLU A 387 -21.69 8.05 20.56
N MET A 388 -21.61 8.87 19.52
CA MET A 388 -21.26 8.35 18.20
C MET A 388 -19.78 8.02 18.11
N ALA A 389 -18.92 8.89 18.63
CA ALA A 389 -17.49 8.61 18.63
C ALA A 389 -17.16 7.44 19.55
N GLU A 390 -17.96 7.20 20.58
CA GLU A 390 -17.74 6.06 21.45
C GLU A 390 -18.04 4.75 20.72
N ARG A 391 -19.18 4.70 20.01
CA ARG A 391 -19.54 3.49 19.28
C ARG A 391 -18.50 3.13 18.25
N CYS A 392 -17.95 4.13 17.55
CA CYS A 392 -16.87 3.88 16.61
C CYS A 392 -15.58 3.47 17.32
N ALA A 393 -15.45 3.78 18.61
CA ALA A 393 -14.23 3.46 19.35
C ALA A 393 -14.26 2.03 19.91
N THR A 394 -15.37 1.65 20.54
CA THR A 394 -15.45 0.32 21.12
C THR A 394 -15.65 -0.77 20.09
N TRP A 395 -15.83 -0.42 18.82
CA TRP A 395 -16.10 -1.41 17.77
C TRP A 395 -14.84 -1.74 16.97
N LEU A 396 -14.19 -0.74 16.37
CA LEU A 396 -13.00 -0.95 15.57
C LEU A 396 -11.77 -0.25 16.15
N ASN A 397 -11.82 0.13 17.41
CA ASN A 397 -10.74 0.90 18.06
C ASN A 397 -10.52 2.18 17.26
N MET A 398 -9.30 2.70 17.26
CA MET A 398 -8.98 3.91 16.49
C MET A 398 -8.48 3.53 15.09
N GLU A 399 -9.25 2.70 14.39
CA GLU A 399 -8.98 2.36 13.00
C GLU A 399 -9.90 3.08 12.04
N VAL A 400 -11.05 3.57 12.50
CA VAL A 400 -11.98 4.36 11.71
C VAL A 400 -12.19 5.68 12.42
N LYS A 401 -12.01 6.78 11.70
CA LYS A 401 -12.20 8.12 12.24
C LYS A 401 -13.53 8.70 11.79
N ILE A 402 -13.97 9.74 12.48
CA ILE A 402 -15.16 10.50 12.12
C ILE A 402 -14.71 11.93 11.80
N ILE A 403 -15.03 12.39 10.60
CA ILE A 403 -14.62 13.69 10.10
C ILE A 403 -15.85 14.57 9.94
N ASP A 404 -15.83 15.74 10.57
CA ASP A 404 -16.91 16.71 10.46
C ASP A 404 -16.49 17.81 9.49
N ALA A 405 -17.34 18.07 8.51
CA ALA A 405 -17.06 19.09 7.49
C ALA A 405 -18.29 19.97 7.32
N VAL A 406 -18.06 21.16 6.77
CA VAL A 406 -19.12 22.12 6.48
C VAL A 406 -18.94 22.64 5.06
N ILE A 407 -20.07 22.90 4.41
CA ILE A 407 -20.03 23.48 3.07
C ILE A 407 -19.66 24.95 3.21
N GLY A 408 -18.40 25.30 2.89
CA GLY A 408 -17.97 26.69 2.78
C GLY A 408 -16.71 27.02 3.55
N GLU A 409 -16.43 26.29 4.63
CA GLU A 409 -15.32 26.64 5.50
C GLU A 409 -14.40 25.45 5.80
N ARG A 410 -14.98 24.26 5.96
CA ARG A 410 -14.22 23.02 6.08
C ARG A 410 -14.67 22.10 4.96
N PRO A 411 -14.00 22.13 3.82
CA PRO A 411 -14.54 21.53 2.60
C PRO A 411 -14.64 20.02 2.72
N PRO A 412 -15.83 19.46 2.52
CA PRO A 412 -15.96 18.00 2.52
C PRO A 412 -15.19 17.37 1.38
N TYR A 413 -14.62 16.19 1.65
CA TYR A 413 -13.81 15.47 0.69
C TYR A 413 -14.51 14.18 0.30
N PHE A 414 -14.51 13.88 -0.99
CA PHE A 414 -15.20 12.69 -1.51
C PHE A 414 -14.55 12.27 -2.82
N CYS A 415 -13.96 11.07 -2.81
CA CYS A 415 -13.39 10.45 -4.01
C CYS A 415 -12.34 11.35 -4.66
N GLY A 416 -11.36 11.77 -3.85
CA GLY A 416 -10.30 12.63 -4.36
C GLY A 416 -10.82 13.95 -4.92
N GLY A 417 -11.84 14.52 -4.30
CA GLY A 417 -12.42 15.76 -4.78
C GLY A 417 -13.03 16.56 -3.65
N PHE A 418 -13.17 17.86 -3.89
CA PHE A 418 -13.74 18.78 -2.92
C PHE A 418 -15.21 19.02 -3.22
N ILE A 419 -16.03 19.07 -2.17
CA ILE A 419 -17.42 19.48 -2.28
C ILE A 419 -17.45 20.98 -2.00
N LEU A 420 -17.46 21.77 -3.07
CA LEU A 420 -17.40 23.22 -2.98
C LEU A 420 -18.71 23.83 -3.46
N GLN A 421 -18.97 25.05 -3.01
CA GLN A 421 -20.11 25.82 -3.48
C GLN A 421 -19.62 26.90 -4.45
N ASP A 422 -20.23 26.94 -5.64
CA ASP A 422 -19.87 27.94 -6.63
C ASP A 422 -20.18 29.33 -6.10
N SER A 423 -19.21 30.24 -6.22
CA SER A 423 -19.37 31.60 -5.72
C SER A 423 -20.27 32.47 -6.59
N VAL A 424 -20.76 31.95 -7.71
CA VAL A 424 -21.62 32.70 -8.61
C VAL A 424 -23.06 32.16 -8.55
N THR A 425 -23.23 30.85 -8.64
CA THR A 425 -24.55 30.24 -8.63
C THR A 425 -24.99 29.78 -7.24
N SER A 426 -24.06 29.72 -6.28
CA SER A 426 -24.36 29.28 -4.91
C SER A 426 -24.89 27.86 -4.88
N THR A 427 -24.44 27.02 -5.81
CA THR A 427 -24.83 25.61 -5.87
C THR A 427 -23.60 24.75 -5.64
N ALA A 428 -23.75 23.72 -4.80
CA ALA A 428 -22.64 22.86 -4.45
C ALA A 428 -22.37 21.84 -5.56
N CYS A 429 -21.11 21.42 -5.63
CA CYS A 429 -20.67 20.45 -6.64
C CYS A 429 -19.39 19.80 -6.15
N ARG A 430 -18.96 18.78 -6.89
CA ARG A 430 -17.71 18.09 -6.60
C ARG A 430 -16.64 18.52 -7.61
N VAL A 431 -15.48 18.92 -7.10
CA VAL A 431 -14.37 19.39 -7.92
C VAL A 431 -13.15 18.55 -7.59
N ALA A 432 -12.49 18.02 -8.61
CA ALA A 432 -11.37 17.11 -8.41
C ALA A 432 -10.20 17.83 -7.73
N ASP A 433 -9.45 17.06 -6.94
CA ASP A 433 -8.31 17.60 -6.21
C ASP A 433 -7.15 17.90 -7.15
N PRO A 434 -6.72 19.16 -7.28
CA PRO A 434 -5.63 19.47 -8.21
C PRO A 434 -4.26 19.06 -7.70
N LEU A 435 -4.09 19.04 -6.36
CA LEU A 435 -2.80 18.62 -5.81
C LEU A 435 -2.58 17.13 -6.03
N LYS A 436 -3.63 16.32 -5.84
CA LYS A 436 -3.51 14.89 -6.10
C LYS A 436 -3.24 14.62 -7.57
N ARG A 437 -3.83 15.43 -8.45
CA ARG A 437 -3.58 15.27 -9.89
C ARG A 437 -2.13 15.59 -10.23
N LEU A 438 -1.58 16.65 -9.61
CA LEU A 438 -0.17 16.97 -9.83
C LEU A 438 0.74 15.85 -9.38
N PHE A 439 0.43 15.23 -8.23
CA PHE A 439 1.22 14.10 -7.76
C PHE A 439 1.15 12.94 -8.74
N LYS A 440 -0.04 12.66 -9.27
CA LYS A 440 -0.21 11.52 -10.17
C LYS A 440 0.52 11.74 -11.50
N LEU A 441 0.59 12.99 -11.96
CA LEU A 441 1.25 13.29 -13.23
C LEU A 441 2.76 13.06 -13.20
N GLY A 442 3.34 12.90 -12.01
CA GLY A 442 4.76 12.64 -11.89
C GLY A 442 5.17 11.20 -12.04
N LYS A 443 4.22 10.30 -12.27
CA LYS A 443 4.55 8.90 -12.42
C LYS A 443 5.24 8.66 -13.75
N PRO A 444 6.42 8.05 -13.77
CA PRO A 444 7.07 7.73 -15.05
C PRO A 444 6.29 6.65 -15.78
N LEU A 445 6.02 6.90 -17.07
CA LEU A 445 5.20 5.99 -17.86
C LEU A 445 5.86 5.73 -19.20
N PRO A 446 5.79 4.50 -19.71
CA PRO A 446 6.29 4.23 -21.06
C PRO A 446 5.45 4.95 -22.10
N ALA A 447 6.02 5.06 -23.30
CA ALA A 447 5.35 5.79 -24.38
C ALA A 447 4.10 5.04 -24.82
N ASP A 448 2.98 5.75 -24.85
CA ASP A 448 1.70 5.15 -25.27
C ASP A 448 0.83 6.29 -25.79
N ASP A 449 0.85 6.50 -27.11
CA ASP A 449 0.18 7.64 -27.71
C ASP A 449 -1.32 7.62 -27.44
N GLU A 450 -1.93 6.43 -27.45
CA GLU A 450 -3.37 6.34 -27.24
C GLU A 450 -3.74 6.67 -25.80
N GLN A 451 -3.01 6.09 -24.84
CA GLN A 451 -3.29 6.38 -23.44
C GLN A 451 -2.89 7.80 -23.06
N ASP A 452 -1.89 8.36 -23.74
CA ASP A 452 -1.53 9.76 -23.50
C ASP A 452 -2.68 10.69 -23.89
N GLU A 453 -3.40 10.37 -24.97
CA GLU A 453 -4.54 11.18 -25.35
C GLU A 453 -5.71 11.02 -24.39
N ASP A 454 -5.88 9.82 -23.83
CA ASP A 454 -6.92 9.62 -22.83
C ASP A 454 -6.60 10.40 -21.56
N ARG A 455 -5.34 10.38 -21.13
CA ARG A 455 -4.94 11.10 -19.93
C ARG A 455 -5.00 12.61 -20.14
N ARG A 456 -4.73 13.07 -21.36
CA ARG A 456 -4.81 14.51 -21.64
C ARG A 456 -6.26 14.97 -21.67
N ARG A 457 -7.14 14.22 -22.34
CA ARG A 457 -8.54 14.59 -22.40
C ARG A 457 -9.20 14.49 -21.02
N ALA A 458 -8.72 13.59 -20.17
CA ALA A 458 -9.23 13.52 -18.81
C ALA A 458 -8.77 14.73 -17.99
N LEU A 459 -7.52 15.16 -18.18
CA LEU A 459 -7.04 16.36 -17.51
C LEU A 459 -7.72 17.61 -18.06
N LEU A 460 -7.98 17.63 -19.37
CA LEU A 460 -8.68 18.76 -19.96
C LEU A 460 -10.06 18.94 -19.34
N ASP A 461 -10.75 17.84 -19.05
CA ASP A 461 -12.06 17.93 -18.41
C ASP A 461 -11.95 18.45 -16.99
N GLU A 462 -10.90 18.03 -16.27
CA GLU A 462 -10.72 18.48 -14.89
C GLU A 462 -10.37 19.96 -14.82
N THR A 463 -9.59 20.45 -15.79
CA THR A 463 -9.22 21.86 -15.79
C THR A 463 -10.40 22.75 -16.14
N LYS A 464 -11.34 22.25 -16.94
CA LYS A 464 -12.55 23.03 -17.23
C LYS A 464 -13.34 23.29 -15.97
N ALA A 465 -13.39 22.32 -15.05
CA ALA A 465 -14.09 22.52 -13.80
C ALA A 465 -13.30 23.42 -12.85
N TRP A 466 -11.97 23.39 -12.93
CA TRP A 466 -11.15 24.22 -12.06
C TRP A 466 -11.27 25.69 -12.43
N PHE A 467 -11.52 25.99 -13.69
CA PHE A 467 -11.54 27.37 -14.17
C PHE A 467 -12.94 27.92 -14.39
N ARG A 468 -13.96 27.25 -13.83
CA ARG A 468 -15.25 27.90 -13.67
C ARG A 468 -15.07 29.12 -12.77
N VAL A 469 -15.52 30.28 -13.24
CA VAL A 469 -15.21 31.54 -12.58
C VAL A 469 -15.71 31.59 -11.15
N GLY A 470 -16.66 30.73 -10.79
CA GLY A 470 -17.13 30.60 -9.43
C GLY A 470 -16.48 29.49 -8.63
N ILE A 471 -15.47 28.82 -9.18
CA ILE A 471 -14.84 27.68 -8.54
C ILE A 471 -13.38 27.94 -8.20
N THR A 472 -12.66 28.64 -9.09
CA THR A 472 -11.21 28.76 -8.95
C THR A 472 -10.81 29.34 -7.60
N GLY A 473 -11.52 30.38 -7.15
CA GLY A 473 -11.17 31.01 -5.88
C GLY A 473 -11.37 30.08 -4.69
N THR A 474 -12.58 29.53 -4.56
CA THR A 474 -12.88 28.65 -3.43
C THR A 474 -12.13 27.33 -3.51
N LEU A 475 -11.64 26.95 -4.69
CA LEU A 475 -10.85 25.72 -4.81
C LEU A 475 -9.47 25.91 -4.21
N ALA A 476 -8.82 27.04 -4.52
CA ALA A 476 -7.51 27.32 -3.94
C ALA A 476 -7.59 27.49 -2.44
N VAL A 477 -8.70 28.03 -1.94
CA VAL A 477 -8.89 28.12 -0.49
C VAL A 477 -9.00 26.72 0.11
N ALA A 478 -9.72 25.83 -0.57
CA ALA A 478 -9.90 24.47 -0.05
C ALA A 478 -8.59 23.70 -0.02
N VAL A 479 -7.79 23.81 -1.08
CA VAL A 479 -6.51 23.11 -1.12
C VAL A 479 -5.60 23.61 -0.01
N THR A 480 -5.52 24.93 0.16
CA THR A 480 -4.71 25.50 1.22
C THR A 480 -5.25 25.09 2.59
N THR A 481 -6.57 25.03 2.75
CA THR A 481 -7.15 24.63 4.02
C THR A 481 -6.84 23.17 4.33
N ARG A 482 -6.90 22.29 3.32
CA ARG A 482 -6.72 20.87 3.55
C ARG A 482 -5.25 20.50 3.71
N TYR A 483 -4.37 21.09 2.89
CA TYR A 483 -2.98 20.68 2.83
C TYR A 483 -2.01 21.69 3.44
N GLU A 484 -2.48 22.87 3.84
CA GLU A 484 -1.64 23.92 4.41
C GLU A 484 -0.50 24.30 3.45
N VAL A 485 -0.82 24.38 2.17
CA VAL A 485 0.15 24.73 1.15
C VAL A 485 -0.14 26.13 0.61
N ASP A 486 0.72 26.61 -0.29
CA ASP A 486 0.53 27.92 -0.88
C ASP A 486 -0.58 27.85 -1.94
N ASN A 487 -0.86 29.00 -2.56
CA ASN A 487 -1.95 29.12 -3.52
C ASN A 487 -1.70 28.21 -4.73
N ILE A 488 -2.65 27.32 -5.00
CA ILE A 488 -2.50 26.33 -6.06
C ILE A 488 -2.79 26.88 -7.45
N THR A 489 -3.32 28.10 -7.55
CA THR A 489 -3.72 28.64 -8.85
C THR A 489 -2.64 28.60 -9.91
N PRO A 490 -1.37 28.95 -9.64
CA PRO A 490 -0.34 28.79 -10.69
C PRO A 490 -0.22 27.37 -11.19
N VAL A 491 -0.50 26.37 -10.36
CA VAL A 491 -0.46 24.98 -10.82
C VAL A 491 -1.67 24.69 -11.70
N LEU A 492 -2.85 25.21 -11.34
CA LEU A 492 -4.01 25.12 -12.22
C LEU A 492 -3.69 25.70 -13.59
N LEU A 493 -3.02 26.85 -13.61
CA LEU A 493 -2.55 27.44 -14.86
C LEU A 493 -1.66 26.48 -15.63
N ALA A 494 -0.67 25.90 -14.93
CA ALA A 494 0.29 25.03 -15.60
C ALA A 494 -0.36 23.74 -16.09
N LEU A 495 -1.26 23.16 -15.30
CA LEU A 495 -1.90 21.91 -15.71
C LEU A 495 -2.78 22.12 -16.93
N ARG A 496 -3.44 23.27 -17.03
CA ARG A 496 -4.24 23.56 -18.21
C ARG A 496 -3.37 23.72 -19.45
N THR A 497 -2.14 24.21 -19.29
CA THR A 497 -1.22 24.30 -20.42
C THR A 497 -0.94 22.91 -20.99
N PHE A 498 -0.68 21.94 -20.13
CA PHE A 498 -0.40 20.58 -20.59
C PHE A 498 -1.61 19.98 -21.32
N ALA A 499 -2.82 20.32 -20.89
CA ALA A 499 -4.03 19.72 -21.43
C ALA A 499 -4.48 20.34 -22.74
N GLN A 500 -3.95 21.51 -23.11
CA GLN A 500 -4.45 22.21 -24.29
C GLN A 500 -4.20 21.42 -25.56
N SER A 501 -2.96 20.98 -25.78
CA SER A 501 -2.58 20.30 -27.01
C SER A 501 -1.78 19.06 -26.70
N LYS A 502 -1.70 18.16 -27.68
CA LYS A 502 -0.90 16.96 -27.54
C LYS A 502 0.59 17.28 -27.45
N ARG A 503 1.03 18.35 -28.12
CA ARG A 503 2.43 18.75 -28.05
C ARG A 503 2.78 19.27 -26.66
N ALA A 504 1.86 20.00 -26.02
CA ALA A 504 2.13 20.53 -24.70
C ALA A 504 2.11 19.44 -23.64
N PHE A 505 1.27 18.42 -23.81
CA PHE A 505 1.22 17.31 -22.87
C PHE A 505 2.52 16.52 -22.86
N GLN A 506 3.30 16.58 -23.94
CA GLN A 506 4.54 15.81 -24.01
C GLN A 506 5.57 16.27 -22.99
N ALA A 507 5.49 17.54 -22.56
CA ALA A 507 6.46 18.07 -21.62
C ALA A 507 6.40 17.37 -20.26
N ILE A 508 5.29 16.71 -19.94
CA ILE A 508 5.19 15.97 -18.68
C ILE A 508 6.16 14.79 -18.68
N ARG A 509 6.24 14.07 -19.79
CA ARG A 509 7.19 12.96 -19.90
C ARG A 509 8.57 13.45 -20.33
N GLY A 510 8.62 14.45 -21.20
CA GLY A 510 9.88 15.00 -21.66
C GLY A 510 10.45 14.27 -22.86
N GLU A 511 11.77 14.28 -23.00
CA GLU A 511 12.43 13.62 -24.12
C GLU A 511 13.42 12.57 -23.61
N PRO B 14 -26.68 20.26 -13.93
CA PRO B 14 -26.59 21.15 -12.77
C PRO B 14 -26.33 22.60 -13.18
N LEU B 15 -26.23 23.49 -12.18
CA LEU B 15 -26.00 24.92 -12.41
C LEU B 15 -24.50 25.18 -12.29
N TYR B 16 -23.83 25.27 -13.44
CA TYR B 16 -22.41 25.55 -13.50
C TYR B 16 -22.17 27.00 -13.89
N SER B 17 -21.10 27.57 -13.37
CA SER B 17 -20.66 28.91 -13.75
C SER B 17 -19.80 28.83 -14.99
N SER B 18 -19.65 29.98 -15.67
CA SER B 18 -18.88 30.03 -16.90
C SER B 18 -17.42 29.67 -16.63
N SER B 19 -16.89 28.79 -17.47
CA SER B 19 -15.49 28.36 -17.37
C SER B 19 -14.65 29.19 -18.33
N VAL B 20 -13.82 30.07 -17.77
CA VAL B 20 -12.84 30.81 -18.57
C VAL B 20 -11.49 30.15 -18.34
N PRO B 21 -11.11 29.15 -19.14
CA PRO B 21 -9.86 28.43 -18.89
C PRO B 21 -8.66 29.33 -19.12
N ALA B 22 -7.52 28.89 -18.58
CA ALA B 22 -6.36 29.75 -18.50
C ALA B 22 -5.09 28.91 -18.53
N ASN B 23 -4.14 29.28 -19.40
CA ASN B 23 -2.92 28.53 -19.56
C ASN B 23 -1.76 29.47 -19.87
N TYR B 24 -0.55 28.95 -19.76
CA TYR B 24 0.63 29.60 -20.31
C TYR B 24 0.89 29.07 -21.72
N SER B 25 1.66 29.85 -22.49
CA SER B 25 2.02 29.40 -23.83
C SER B 25 3.20 28.42 -23.77
N ASP B 26 4.21 28.72 -22.97
CA ASP B 26 5.39 27.87 -22.89
C ASP B 26 5.10 26.65 -22.02
N PRO B 27 5.17 25.43 -22.57
CA PRO B 27 5.01 24.24 -21.71
C PRO B 27 6.18 24.05 -20.77
N GLN B 28 7.38 24.45 -21.16
CA GLN B 28 8.53 24.37 -20.26
C GLN B 28 8.35 25.29 -19.06
N PHE B 29 7.66 26.43 -19.24
CA PHE B 29 7.34 27.29 -18.11
C PHE B 29 6.35 26.61 -17.18
N ALA B 30 5.37 25.90 -17.74
CA ALA B 30 4.43 25.15 -16.91
C ALA B 30 5.13 24.02 -16.15
N VAL B 31 6.17 23.42 -16.75
CA VAL B 31 6.94 22.41 -16.06
C VAL B 31 7.67 23.04 -14.87
N ALA B 32 8.27 24.22 -15.08
CA ALA B 32 8.98 24.89 -14.00
C ALA B 32 8.04 25.35 -12.90
N VAL B 33 6.80 25.69 -13.24
CA VAL B 33 5.84 26.11 -12.22
C VAL B 33 5.48 24.96 -11.31
N CYS B 34 5.23 23.77 -11.88
CA CYS B 34 4.90 22.61 -11.07
C CYS B 34 6.07 22.19 -10.19
N ASN B 35 7.28 22.21 -10.74
CA ASN B 35 8.45 21.83 -9.97
C ASN B 35 8.73 22.81 -8.85
N ASN B 36 8.65 24.12 -9.14
CA ASN B 36 8.90 25.13 -8.12
C ASN B 36 7.84 25.11 -7.03
N TYR B 37 6.59 24.79 -7.39
CA TYR B 37 5.54 24.72 -6.38
C TYR B 37 5.79 23.59 -5.39
N LEU B 38 6.21 22.42 -5.88
CA LEU B 38 6.48 21.30 -4.98
C LEU B 38 7.76 21.53 -4.18
N HIS B 39 8.70 22.30 -4.74
CA HIS B 39 9.88 22.69 -3.97
C HIS B 39 9.52 23.65 -2.84
N GLU B 40 8.67 24.65 -3.14
CA GLU B 40 8.31 25.65 -2.15
C GLU B 40 7.49 25.06 -1.00
N ASN B 41 6.70 24.03 -1.27
CA ASN B 41 5.77 23.48 -0.29
C ASN B 41 6.26 22.18 0.33
N TYR B 42 7.56 21.90 0.22
CA TYR B 42 8.26 20.84 0.93
C TYR B 42 8.86 21.40 2.22
N PRO B 43 8.79 20.67 3.36
CA PRO B 43 8.27 19.30 3.50
C PRO B 43 6.79 19.22 3.88
N THR B 44 6.06 20.34 3.80
CA THR B 44 4.65 20.33 4.18
C THR B 44 3.88 19.23 3.44
N VAL B 45 4.10 19.11 2.13
CA VAL B 45 3.59 18.00 1.36
C VAL B 45 4.72 17.45 0.50
N ALA B 46 4.62 16.16 0.18
CA ALA B 46 5.61 15.50 -0.66
C ALA B 46 4.89 14.49 -1.54
N SER B 47 5.31 14.41 -2.80
CA SER B 47 4.66 13.51 -3.76
C SER B 47 4.86 12.07 -3.33
N TYR B 48 3.81 11.25 -3.52
CA TYR B 48 3.92 9.83 -3.21
C TYR B 48 4.77 9.08 -4.23
N GLN B 49 5.18 9.74 -5.32
CA GLN B 49 6.12 9.12 -6.25
C GLN B 49 7.48 8.88 -5.60
N ILE B 50 7.82 9.64 -4.56
CA ILE B 50 9.07 9.41 -3.85
C ILE B 50 9.04 8.07 -3.13
N THR B 51 7.98 7.82 -2.35
CA THR B 51 7.86 6.53 -1.67
C THR B 51 7.57 5.41 -2.65
N ASP B 52 6.88 5.71 -3.75
CA ASP B 52 6.67 4.70 -4.79
C ASP B 52 7.99 4.30 -5.43
N GLU B 53 8.90 5.26 -5.61
CA GLU B 53 10.23 4.92 -6.11
C GLU B 53 11.02 4.13 -5.08
N TYR B 54 10.84 4.44 -3.79
CA TYR B 54 11.46 3.64 -2.74
C TYR B 54 11.01 2.19 -2.83
N ASP B 55 9.70 1.97 -2.99
CA ASP B 55 9.16 0.61 -3.06
C ASP B 55 9.67 -0.12 -4.31
N ALA B 56 9.72 0.58 -5.44
CA ALA B 56 10.17 -0.05 -6.68
C ALA B 56 11.62 -0.50 -6.58
N TYR B 57 12.45 0.28 -5.89
CA TYR B 57 13.85 -0.10 -5.73
C TYR B 57 14.00 -1.24 -4.73
N LEU B 58 13.27 -1.18 -3.61
CA LEU B 58 13.38 -2.22 -2.60
C LEU B 58 12.86 -3.56 -3.13
N ASP B 59 11.79 -3.53 -3.92
CA ASP B 59 11.28 -4.76 -4.52
C ASP B 59 12.24 -5.32 -5.55
N MET B 60 13.02 -4.47 -6.21
CA MET B 60 13.96 -4.93 -7.23
C MET B 60 15.17 -5.60 -6.61
N VAL B 61 15.63 -5.10 -5.45
CA VAL B 61 16.81 -5.63 -4.77
C VAL B 61 16.43 -6.61 -3.67
N ASP B 62 15.16 -7.01 -3.59
CA ASP B 62 14.71 -8.05 -2.67
C ASP B 62 14.88 -7.68 -1.20
N GLY B 63 14.23 -6.63 -0.75
CA GLY B 63 14.15 -6.32 0.66
C GLY B 63 14.98 -5.11 1.04
N THR B 64 14.79 -4.68 2.30
CA THR B 64 15.47 -3.51 2.82
C THR B 64 16.92 -3.82 3.18
N VAL B 65 17.15 -4.93 3.89
CA VAL B 65 18.49 -5.27 4.33
C VAL B 65 19.37 -5.65 3.13
N ALA B 66 18.79 -6.29 2.11
CA ALA B 66 19.53 -6.53 0.88
C ALA B 66 19.85 -5.23 0.14
N CYS B 67 19.15 -4.16 0.46
CA CYS B 67 19.40 -2.84 -0.12
C CYS B 67 20.38 -2.01 0.69
N LEU B 68 20.32 -2.14 2.02
CA LEU B 68 21.20 -1.36 2.90
C LEU B 68 22.66 -1.74 2.76
N ASP B 69 22.98 -2.79 2.00
CA ASP B 69 24.35 -3.15 1.69
C ASP B 69 24.72 -2.85 0.24
N THR B 70 23.80 -2.30 -0.55
CA THR B 70 24.09 -1.97 -1.93
C THR B 70 24.80 -0.63 -2.07
N ALA B 71 24.77 0.22 -1.05
CA ALA B 71 25.45 1.50 -1.10
C ALA B 71 26.96 1.30 -0.92
N THR B 72 27.70 2.37 -1.19
CA THR B 72 29.16 2.34 -1.08
C THR B 72 29.54 2.68 0.36
N PHE B 73 29.94 1.67 1.12
CA PHE B 73 30.47 1.89 2.46
C PHE B 73 31.96 2.21 2.40
N SER B 74 32.32 3.11 1.49
CA SER B 74 33.72 3.47 1.22
C SER B 74 34.51 3.77 2.48
N ALA B 89 29.51 -12.46 -0.40
CA ALA B 89 28.63 -12.94 0.67
C ALA B 89 27.18 -12.65 0.35
N PRO B 90 26.31 -13.66 0.50
CA PRO B 90 24.89 -13.47 0.20
C PRO B 90 24.18 -12.72 1.32
N ASN B 91 23.40 -11.70 0.93
CA ASN B 91 22.59 -10.94 1.87
C ASN B 91 21.21 -11.59 1.99
N ILE B 92 20.54 -11.32 3.12
CA ILE B 92 19.19 -11.83 3.31
C ILE B 92 18.26 -11.11 2.35
N ARG B 93 17.32 -11.84 1.78
CA ARG B 93 16.37 -11.31 0.82
C ARG B 93 14.95 -11.55 1.31
N SER B 94 14.07 -10.58 1.08
CA SER B 94 12.68 -10.66 1.47
C SER B 94 11.80 -10.46 0.24
N ALA B 95 10.83 -11.35 0.07
CA ALA B 95 9.88 -11.26 -1.03
C ALA B 95 8.63 -10.46 -0.66
N VAL B 96 8.55 -9.95 0.56
CA VAL B 96 7.38 -9.15 0.97
C VAL B 96 7.43 -7.81 0.24
N PRO B 97 6.33 -7.38 -0.40
CA PRO B 97 6.37 -6.10 -1.11
C PRO B 97 6.57 -4.93 -0.15
N SER B 98 7.34 -3.96 -0.61
CA SER B 98 7.65 -2.80 0.22
C SER B 98 6.50 -1.80 0.19
N ALA B 99 6.30 -1.11 1.34
CA ALA B 99 5.28 -0.08 1.49
C ALA B 99 5.85 1.00 2.41
N MET B 100 6.77 1.79 1.87
CA MET B 100 7.50 2.77 2.66
C MET B 100 6.69 4.05 2.82
N GLN B 101 6.77 4.64 4.01
CA GLN B 101 6.23 5.95 4.30
C GLN B 101 7.37 6.96 4.37
N ASN B 102 7.08 8.20 3.99
CA ASN B 102 8.10 9.25 3.98
C ASN B 102 8.31 9.76 5.41
N THR B 103 9.00 8.92 6.20
CA THR B 103 9.29 9.28 7.58
C THR B 103 10.23 10.47 7.68
N LEU B 104 11.17 10.59 6.74
CA LEU B 104 12.09 11.73 6.75
C LEU B 104 11.33 13.03 6.55
N GLN B 105 10.29 13.02 5.71
CA GLN B 105 9.49 14.22 5.50
C GLN B 105 8.81 14.65 6.79
N ASN B 106 8.20 13.71 7.50
CA ASN B 106 7.52 14.05 8.75
C ASN B 106 8.50 14.52 9.82
N VAL B 107 9.74 13.99 9.80
CA VAL B 107 10.75 14.48 10.72
C VAL B 107 11.09 15.94 10.43
N LEU B 108 11.26 16.26 9.14
CA LEU B 108 11.54 17.65 8.76
C LEU B 108 10.36 18.56 9.08
N ILE B 109 9.13 18.05 8.98
CA ILE B 109 7.96 18.84 9.37
C ILE B 109 8.04 19.17 10.86
N ALA B 110 8.34 18.17 11.69
CA ALA B 110 8.48 18.41 13.12
C ALA B 110 9.62 19.35 13.45
N ALA B 111 10.62 19.45 12.57
CA ALA B 111 11.72 20.38 12.82
C ALA B 111 11.29 21.83 12.58
N THR B 112 10.50 22.07 11.53
CA THR B 112 10.01 23.43 11.29
C THR B 112 9.00 23.86 12.34
N LYS B 113 8.21 22.93 12.86
CA LYS B 113 7.28 23.27 13.94
C LYS B 113 8.00 23.53 15.26
N ARG B 114 9.27 23.15 15.36
CA ARG B 114 10.01 23.35 16.60
C ARG B 114 10.41 24.81 16.78
N ASN B 115 10.76 25.49 15.69
CA ASN B 115 11.28 26.85 15.76
C ASN B 115 10.25 27.87 16.20
N CYS B 116 8.96 27.52 16.22
CA CYS B 116 7.91 28.43 16.64
C CYS B 116 7.46 28.09 18.06
N ASN B 117 7.02 29.12 18.78
CA ASN B 117 6.61 28.96 20.17
C ASN B 117 5.12 28.71 20.33
N VAL B 118 4.29 29.35 19.50
CA VAL B 118 2.84 29.22 19.64
C VAL B 118 2.41 27.80 19.35
N THR B 119 3.01 27.17 18.34
CA THR B 119 2.63 25.81 17.96
C THR B 119 3.14 24.77 18.94
N GLN B 120 4.10 25.12 19.80
CA GLN B 120 4.68 24.16 20.72
C GLN B 120 3.88 24.00 22.01
N MET B 121 3.27 25.07 22.52
CA MET B 121 2.43 24.94 23.69
C MET B 121 1.07 24.34 23.35
N ARG B 122 0.60 24.53 22.11
CA ARG B 122 -0.56 23.79 21.66
C ARG B 122 -0.23 22.32 21.42
N GLU B 123 1.03 22.02 21.14
CA GLU B 123 1.51 20.66 20.95
C GLU B 123 2.39 20.19 22.11
N LEU B 124 2.08 20.65 23.31
CA LEU B 124 2.82 20.23 24.50
C LEU B 124 2.61 18.74 24.81
N PRO B 125 1.40 18.19 24.66
CA PRO B 125 1.27 16.73 24.82
C PRO B 125 2.15 15.93 23.88
N THR B 126 2.36 16.41 22.65
CA THR B 126 3.23 15.70 21.72
C THR B 126 4.69 15.81 22.13
N LEU B 127 5.09 16.98 22.68
CA LEU B 127 6.45 17.11 23.21
C LEU B 127 6.65 16.23 24.43
N ASP B 128 5.63 16.14 25.29
CA ASP B 128 5.72 15.28 26.46
C ASP B 128 5.77 13.80 26.05
N SER B 129 4.98 13.42 25.04
CA SER B 129 4.98 12.03 24.58
C SER B 129 6.32 11.66 23.97
N ALA B 130 6.87 12.55 23.12
CA ALA B 130 8.16 12.27 22.49
C ALA B 130 9.29 12.25 23.51
N THR B 131 9.21 13.10 24.54
CA THR B 131 10.22 13.08 25.59
C THR B 131 10.20 11.77 26.36
N PHE B 132 9.00 11.26 26.65
CA PHE B 132 8.88 9.97 27.32
C PHE B 132 9.41 8.84 26.43
N ASN B 133 9.18 8.93 25.12
CA ASN B 133 9.69 7.92 24.20
C ASN B 133 11.21 7.86 24.23
N VAL B 134 11.87 9.03 24.23
CA VAL B 134 13.33 9.06 24.31
C VAL B 134 13.79 8.51 25.65
N GLU B 135 13.03 8.78 26.71
CA GLU B 135 13.36 8.22 28.02
C GLU B 135 13.36 6.70 27.99
N CYS B 136 12.30 6.11 27.42
CA CYS B 136 12.24 4.66 27.32
C CYS B 136 13.34 4.11 26.43
N PHE B 137 13.61 4.79 25.31
CA PHE B 137 14.68 4.36 24.41
C PHE B 137 16.03 4.35 25.11
N ARG B 138 16.30 5.37 25.93
CA ARG B 138 17.57 5.45 26.63
C ARG B 138 17.61 4.46 27.80
N LYS B 139 16.48 4.28 28.49
CA LYS B 139 16.49 3.48 29.71
C LYS B 139 16.59 1.99 29.42
N TYR B 140 15.91 1.52 28.38
CA TYR B 140 15.78 0.09 28.13
C TYR B 140 16.57 -0.41 26.94
N ALA B 141 17.11 0.48 26.10
CA ALA B 141 17.79 0.05 24.89
C ALA B 141 19.19 0.60 24.71
N CYS B 142 19.65 1.51 25.57
CA CYS B 142 20.91 2.20 25.34
C CYS B 142 21.76 2.23 26.60
N ASN B 143 23.05 2.44 26.38
CA ASN B 143 23.97 2.82 27.44
C ASN B 143 24.00 4.34 27.57
N ASP B 144 24.56 4.81 28.68
CA ASP B 144 24.63 6.25 28.98
C ASP B 144 26.06 6.77 28.86
N GLU B 145 26.76 6.37 27.82
CA GLU B 145 28.18 6.68 27.67
C GLU B 145 28.48 7.72 26.61
N TYR B 146 27.71 7.79 25.52
CA TYR B 146 28.08 8.58 24.37
C TYR B 146 27.20 9.81 24.13
N TRP B 147 26.14 10.00 24.91
CA TRP B 147 25.23 11.12 24.65
C TRP B 147 25.94 12.45 24.83
N GLU B 148 26.79 12.58 25.85
CA GLU B 148 27.49 13.83 26.08
C GLU B 148 28.47 14.13 24.94
N GLU B 149 29.19 13.12 24.47
CA GLU B 149 30.12 13.32 23.36
C GLU B 149 29.41 13.76 22.10
N PHE B 150 28.29 13.11 21.77
CA PHE B 150 27.58 13.44 20.54
C PHE B 150 26.94 14.82 20.62
N ALA B 151 26.56 15.27 21.81
CA ALA B 151 25.95 16.59 21.95
C ALA B 151 26.96 17.70 21.64
N ARG B 152 28.22 17.50 22.00
CA ARG B 152 29.25 18.51 21.77
C ARG B 152 30.02 18.28 20.48
N LYS B 153 29.83 17.14 19.81
CA LYS B 153 30.49 16.85 18.54
C LYS B 153 29.43 16.42 17.53
N PRO B 154 28.82 17.39 16.84
CA PRO B 154 27.84 17.04 15.81
C PRO B 154 28.51 16.36 14.62
N ILE B 155 27.69 15.66 13.83
CA ILE B 155 28.21 14.91 12.70
C ILE B 155 28.71 15.88 11.64
N ARG B 156 29.98 15.73 11.25
CA ARG B 156 30.58 16.52 10.18
C ARG B 156 31.43 15.60 9.32
N ILE B 157 31.24 15.69 8.01
CA ILE B 157 31.92 14.80 7.07
C ILE B 157 33.18 15.49 6.58
N THR B 158 34.27 14.73 6.50
CA THR B 158 35.58 15.26 6.19
C THR B 158 35.90 15.13 4.70
N THR B 159 36.99 15.80 4.30
CA THR B 159 37.50 15.66 2.94
C THR B 159 37.85 14.22 2.62
N GLU B 160 38.34 13.47 3.61
CA GLU B 160 38.85 12.13 3.36
C GLU B 160 37.73 11.16 2.97
N PHE B 161 36.55 11.31 3.58
CA PHE B 161 35.45 10.40 3.24
C PHE B 161 34.94 10.68 1.83
N VAL B 162 34.57 11.93 1.54
CA VAL B 162 33.98 12.27 0.26
C VAL B 162 34.95 11.97 -0.88
N THR B 163 36.26 12.07 -0.63
CA THR B 163 37.23 11.65 -1.63
C THR B 163 37.23 10.14 -1.79
N ALA B 164 37.25 9.41 -0.67
CA ALA B 164 37.19 7.95 -0.73
C ALA B 164 35.84 7.47 -1.25
N TYR B 165 34.79 8.27 -1.09
CA TYR B 165 33.49 7.92 -1.65
C TYR B 165 33.53 7.89 -3.17
N VAL B 166 34.09 8.94 -3.79
CA VAL B 166 34.20 8.98 -5.24
C VAL B 166 35.32 8.06 -5.72
N ALA B 167 36.32 7.81 -4.87
CA ALA B 167 37.40 6.90 -5.25
C ALA B 167 36.88 5.48 -5.44
N ARG B 168 35.90 5.07 -4.63
CA ARG B 168 35.31 3.75 -4.79
C ARG B 168 34.28 3.72 -5.91
N LEU B 169 33.63 4.85 -6.20
CA LEU B 169 32.57 4.88 -7.20
C LEU B 169 33.13 5.04 -8.60
N LYS B 170 33.97 6.06 -8.82
CA LYS B 170 34.44 6.41 -10.16
C LYS B 170 35.96 6.39 -10.24
N GLY B 171 36.62 5.59 -9.41
CA GLY B 171 38.05 5.42 -9.49
C GLY B 171 38.83 6.50 -8.79
N PRO B 172 40.09 6.21 -8.45
CA PRO B 172 40.92 7.20 -7.75
C PRO B 172 41.30 8.40 -8.61
N LYS B 173 41.24 8.28 -9.94
CA LYS B 173 41.57 9.42 -10.79
C LYS B 173 40.50 10.49 -10.72
N ALA B 174 39.23 10.09 -10.78
CA ALA B 174 38.14 11.06 -10.67
C ALA B 174 38.04 11.63 -9.27
N ALA B 175 38.51 10.89 -8.25
CA ALA B 175 38.46 11.39 -6.88
C ALA B 175 39.44 12.55 -6.68
N ALA B 176 40.64 12.45 -7.27
CA ALA B 176 41.59 13.55 -7.17
C ALA B 176 41.08 14.80 -7.86
N LEU B 177 40.46 14.63 -9.03
CA LEU B 177 39.84 15.78 -9.69
C LEU B 177 38.61 16.25 -8.94
N PHE B 178 37.91 15.34 -8.25
CA PHE B 178 36.79 15.75 -7.41
C PHE B 178 37.26 16.63 -6.27
N ALA B 179 38.32 16.23 -5.57
CA ALA B 179 38.84 17.04 -4.48
C ALA B 179 39.42 18.36 -4.98
N LYS B 180 39.96 18.37 -6.19
CA LYS B 180 40.52 19.61 -6.75
C LYS B 180 39.42 20.55 -7.25
N THR B 181 38.35 19.99 -7.81
CA THR B 181 37.27 20.82 -8.34
C THR B 181 36.64 21.66 -7.24
N TYR B 182 36.55 21.12 -6.03
CA TYR B 182 35.94 21.82 -4.90
C TYR B 182 36.96 22.28 -3.87
N ASN B 183 38.25 22.25 -4.21
CA ASN B 183 39.31 22.79 -3.36
C ASN B 183 39.26 22.20 -1.95
N LEU B 184 39.05 20.89 -1.87
CA LEU B 184 38.95 20.21 -0.59
C LEU B 184 40.33 20.11 0.05
N VAL B 185 40.46 20.64 1.26
CA VAL B 185 41.72 20.57 2.00
C VAL B 185 41.75 19.26 2.79
N PRO B 186 42.81 18.46 2.68
CA PRO B 186 42.83 17.17 3.38
C PRO B 186 42.84 17.33 4.89
N LEU B 187 42.33 16.31 5.57
CA LEU B 187 42.22 16.27 7.03
C LEU B 187 41.42 17.46 7.57
N GLN B 188 40.45 17.93 6.78
CA GLN B 188 39.58 19.02 7.17
C GLN B 188 38.14 18.65 6.86
N GLU B 189 37.22 19.11 7.70
CA GLU B 189 35.81 18.94 7.41
C GLU B 189 35.43 19.74 6.18
N VAL B 190 34.50 19.19 5.40
CA VAL B 190 34.03 19.84 4.19
C VAL B 190 33.20 21.06 4.58
N PRO B 191 33.63 22.27 4.24
CA PRO B 191 32.82 23.45 4.57
C PRO B 191 31.50 23.42 3.81
N MET B 192 30.41 23.64 4.55
CA MET B 192 29.08 23.54 3.95
C MET B 192 28.85 24.62 2.89
N ASP B 193 29.54 25.75 3.00
CA ASP B 193 29.41 26.82 2.01
C ASP B 193 29.98 26.44 0.65
N ARG B 194 30.52 25.22 0.50
CA ARG B 194 31.07 24.77 -0.77
C ARG B 194 30.08 23.96 -1.58
N PHE B 195 28.95 23.54 -1.00
CA PHE B 195 27.91 22.86 -1.76
C PHE B 195 26.50 23.37 -1.49
N VAL B 196 26.29 24.20 -0.47
CA VAL B 196 25.03 24.88 -0.25
C VAL B 196 25.30 26.36 -0.04
N MET B 197 24.28 27.17 -0.27
CA MET B 197 24.40 28.62 -0.13
C MET B 197 23.09 29.19 0.42
N ASP B 198 23.18 30.39 0.96
CA ASP B 198 22.02 31.06 1.53
C ASP B 198 21.23 31.78 0.44
N VAL B 218 18.18 28.03 2.57
CA VAL B 218 19.37 27.33 2.10
C VAL B 218 19.07 26.60 0.80
N GLN B 219 19.87 26.88 -0.23
CA GLN B 219 19.76 26.23 -1.52
C GLN B 219 21.10 25.59 -1.88
N VAL B 220 21.02 24.48 -2.60
CA VAL B 220 22.21 23.71 -2.96
C VAL B 220 22.85 24.32 -4.20
N ILE B 221 24.18 24.43 -4.17
CA ILE B 221 24.93 24.84 -5.36
C ILE B 221 24.84 23.71 -6.38
N GLN B 222 24.14 23.96 -7.49
CA GLN B 222 23.84 22.90 -8.45
C GLN B 222 25.11 22.32 -9.06
N ALA B 223 26.16 23.13 -9.20
CA ALA B 223 27.43 22.63 -9.69
C ALA B 223 28.18 21.78 -8.66
N ALA B 224 27.64 21.67 -7.44
CA ALA B 224 28.27 20.92 -6.37
C ALA B 224 27.37 19.77 -5.88
N GLU B 225 26.53 19.26 -6.76
CA GLU B 225 25.63 18.17 -6.37
C GLU B 225 26.36 16.88 -6.00
N PRO B 226 27.38 16.43 -6.75
CA PRO B 226 28.11 15.23 -6.30
C PRO B 226 28.77 15.39 -4.94
N LEU B 227 29.16 16.62 -4.57
CA LEU B 227 29.72 16.84 -3.24
C LEU B 227 28.64 16.75 -2.17
N ALA B 228 27.42 17.19 -2.49
CA ALA B 228 26.34 17.12 -1.51
C ALA B 228 25.89 15.68 -1.28
N THR B 229 25.81 14.89 -2.35
CA THR B 229 25.41 13.49 -2.20
C THR B 229 26.48 12.69 -1.46
N ALA B 230 27.75 12.99 -1.72
CA ALA B 230 28.82 12.34 -0.98
C ALA B 230 28.78 12.71 0.50
N TYR B 231 28.39 13.96 0.80
CA TYR B 231 28.27 14.38 2.19
C TYR B 231 27.12 13.66 2.89
N LEU B 232 25.98 13.52 2.20
CA LEU B 232 24.84 12.84 2.80
C LEU B 232 25.13 11.37 3.06
N CYS B 233 25.91 10.73 2.18
CA CYS B 233 26.29 9.34 2.41
C CYS B 233 27.13 9.19 3.66
N GLY B 234 27.94 10.21 3.98
CA GLY B 234 28.72 10.17 5.21
C GLY B 234 27.87 10.32 6.45
N ILE B 235 26.79 11.09 6.36
CA ILE B 235 25.90 11.26 7.51
C ILE B 235 25.25 9.93 7.87
N HIS B 236 24.77 9.20 6.86
CA HIS B 236 24.16 7.89 7.12
C HIS B 236 25.18 6.92 7.70
N ARG B 237 26.41 6.95 7.19
CA ARG B 237 27.45 6.06 7.70
C ARG B 237 27.79 6.37 9.15
N GLU B 238 27.87 7.66 9.50
CA GLU B 238 28.16 8.04 10.87
C GLU B 238 26.98 7.78 11.79
N LEU B 239 25.75 7.93 11.28
CA LEU B 239 24.57 7.67 12.11
C LEU B 239 24.50 6.21 12.53
N VAL B 240 24.83 5.29 11.61
CA VAL B 240 24.82 3.87 11.94
C VAL B 240 25.90 3.56 12.97
N ARG B 241 27.08 4.15 12.81
CA ARG B 241 28.17 3.90 13.76
C ARG B 241 27.82 4.44 15.14
N ARG B 242 27.18 5.62 15.20
CA ARG B 242 26.86 6.22 16.49
C ARG B 242 25.70 5.50 17.17
N LEU B 243 24.71 5.05 16.38
CA LEU B 243 23.62 4.28 16.97
C LEU B 243 24.11 2.93 17.48
N THR B 244 25.06 2.31 16.78
CA THR B 244 25.64 1.06 17.24
C THR B 244 26.38 1.25 18.56
N ALA B 245 26.99 2.41 18.77
CA ALA B 245 27.75 2.65 19.99
C ALA B 245 26.83 2.81 21.19
N VAL B 246 25.66 3.42 20.99
CA VAL B 246 24.78 3.69 22.13
C VAL B 246 23.92 2.49 22.48
N LEU B 247 23.62 1.63 21.52
CA LEU B 247 22.72 0.51 21.77
C LEU B 247 23.39 -0.55 22.62
N LEU B 248 22.60 -1.19 23.48
CA LEU B 248 23.11 -2.27 24.31
C LEU B 248 23.55 -3.43 23.43
N PRO B 249 24.53 -4.23 23.90
CA PRO B 249 25.07 -5.30 23.03
C PRO B 249 24.06 -6.38 22.66
N ASN B 250 22.98 -6.53 23.42
CA ASN B 250 21.97 -7.53 23.09
C ASN B 250 20.96 -7.05 22.06
N ILE B 251 21.03 -5.78 21.65
CA ILE B 251 20.13 -5.21 20.67
C ILE B 251 20.89 -5.02 19.36
N HIS B 252 20.44 -5.70 18.31
CA HIS B 252 21.14 -5.73 17.03
C HIS B 252 20.31 -5.04 15.96
N THR B 253 20.94 -4.09 15.26
CA THR B 253 20.39 -3.55 14.02
C THR B 253 21.10 -4.18 12.84
N LEU B 254 20.35 -4.40 11.76
CA LEU B 254 20.87 -5.15 10.62
C LEU B 254 21.19 -4.21 9.44
N PHE B 255 21.91 -3.13 9.71
CA PHE B 255 22.28 -2.21 8.63
C PHE B 255 23.37 -2.83 7.75
N ASP B 256 24.36 -3.48 8.37
CA ASP B 256 25.46 -4.13 7.65
C ASP B 256 25.62 -5.53 8.22
N MET B 257 24.83 -6.48 7.70
CA MET B 257 24.89 -7.86 8.17
C MET B 257 24.52 -8.79 7.03
N SER B 258 25.37 -9.78 6.78
CA SER B 258 25.10 -10.78 5.76
C SER B 258 24.12 -11.83 6.29
N ALA B 259 23.71 -12.72 5.38
CA ALA B 259 22.83 -13.81 5.80
C ALA B 259 23.53 -14.76 6.76
N GLU B 260 24.81 -15.04 6.52
CA GLU B 260 25.56 -15.92 7.41
C GLU B 260 25.83 -15.26 8.75
N ASP B 261 26.14 -13.96 8.74
CA ASP B 261 26.44 -13.26 9.99
C ASP B 261 25.22 -13.23 10.90
N PHE B 262 24.02 -13.05 10.33
CA PHE B 262 22.81 -13.06 11.14
C PHE B 262 22.47 -14.46 11.63
N ASP B 263 22.73 -15.48 10.80
CA ASP B 263 22.49 -16.85 11.21
C ASP B 263 23.36 -17.24 12.39
N ALA B 264 24.61 -16.74 12.43
CA ALA B 264 25.48 -17.01 13.56
C ALA B 264 24.94 -16.41 14.84
N ILE B 265 24.28 -15.25 14.76
CA ILE B 265 23.65 -14.66 15.93
C ILE B 265 22.43 -15.45 16.35
N ILE B 266 21.63 -15.89 15.37
CA ILE B 266 20.44 -16.68 15.68
C ILE B 266 20.83 -18.03 16.28
N ALA B 267 21.86 -18.68 15.71
CA ALA B 267 22.25 -20.00 16.18
C ALA B 267 22.74 -19.98 17.62
N GLU B 268 23.33 -18.86 18.06
CA GLU B 268 23.88 -18.79 19.41
C GLU B 268 22.79 -18.65 20.47
N HIS B 269 21.74 -17.89 20.16
CA HIS B 269 20.77 -17.49 21.17
C HIS B 269 19.42 -18.21 21.09
N PHE B 270 19.06 -18.75 19.93
CA PHE B 270 17.73 -19.29 19.71
C PHE B 270 17.81 -20.81 19.67
N LYS B 271 17.14 -21.46 20.63
CA LYS B 271 17.09 -22.92 20.73
C LYS B 271 15.65 -23.39 20.64
N GLN B 272 15.49 -24.71 20.59
CA GLN B 272 14.16 -25.29 20.49
C GLN B 272 13.33 -24.99 21.74
N GLY B 273 12.07 -24.63 21.53
CA GLY B 273 11.17 -24.30 22.62
C GLY B 273 11.30 -22.90 23.16
N ASP B 274 12.29 -22.13 22.71
CA ASP B 274 12.46 -20.77 23.21
C ASP B 274 11.32 -19.88 22.74
N PRO B 275 10.79 -19.03 23.61
CA PRO B 275 9.77 -18.08 23.18
C PRO B 275 10.39 -16.89 22.47
N VAL B 276 9.74 -16.43 21.42
CA VAL B 276 10.19 -15.29 20.63
C VAL B 276 9.03 -14.33 20.45
N LEU B 277 9.26 -13.06 20.76
CA LEU B 277 8.23 -12.03 20.67
C LEU B 277 8.46 -11.16 19.44
N GLU B 278 7.35 -10.70 18.86
CA GLU B 278 7.41 -9.80 17.71
C GLU B 278 6.33 -8.75 17.85
N THR B 279 6.68 -7.49 17.59
CA THR B 279 5.75 -6.38 17.62
C THR B 279 5.49 -5.96 16.18
N ASP B 280 4.31 -6.33 15.67
CA ASP B 280 3.94 -6.03 14.29
C ASP B 280 3.53 -4.57 14.20
N ILE B 281 4.41 -3.74 13.63
CA ILE B 281 4.16 -2.32 13.49
C ILE B 281 3.86 -1.95 12.04
N ALA B 282 3.55 -2.94 11.20
CA ALA B 282 3.31 -2.67 9.79
C ALA B 282 2.07 -1.81 9.58
N SER B 283 0.98 -2.15 10.28
CA SER B 283 -0.27 -1.38 10.16
C SER B 283 -0.19 -0.02 10.82
N PHE B 284 0.86 0.25 11.60
CA PHE B 284 0.97 1.51 12.33
C PHE B 284 1.45 2.60 11.39
N ASP B 285 0.59 3.56 11.11
CA ASP B 285 0.97 4.74 10.32
C ASP B 285 1.57 5.77 11.26
N LYS B 286 2.87 6.04 11.10
CA LYS B 286 3.55 6.96 11.99
C LYS B 286 3.18 8.42 11.73
N SER B 287 2.58 8.72 10.58
CA SER B 287 2.16 10.09 10.30
C SER B 287 0.99 10.52 11.18
N GLN B 288 0.19 9.56 11.66
CA GLN B 288 -0.91 9.87 12.54
C GLN B 288 -0.45 10.37 13.91
N ASP B 289 0.82 10.13 14.25
CA ASP B 289 1.39 10.55 15.53
C ASP B 289 2.47 11.57 15.26
N ASP B 290 2.21 12.83 15.64
CA ASP B 290 3.26 13.85 15.58
C ASP B 290 4.37 13.57 16.59
N ALA B 291 4.08 12.79 17.64
CA ALA B 291 5.11 12.44 18.60
C ALA B 291 6.14 11.48 18.00
N MET B 292 5.72 10.64 17.05
CA MET B 292 6.66 9.71 16.42
C MET B 292 7.71 10.46 15.61
N ALA B 293 7.27 11.42 14.78
CA ALA B 293 8.22 12.21 14.01
C ALA B 293 9.08 13.08 14.91
N LEU B 294 8.51 13.57 16.03
CA LEU B 294 9.29 14.36 16.96
C LEU B 294 10.26 13.49 17.76
N THR B 295 9.89 12.23 18.01
CA THR B 295 10.80 11.31 18.69
C THR B 295 12.00 11.01 17.81
N GLY B 296 11.78 10.75 16.52
CA GLY B 296 12.89 10.49 15.62
C GLY B 296 13.80 11.71 15.46
N LEU B 297 13.21 12.90 15.41
CA LEU B 297 14.02 14.12 15.31
C LEU B 297 14.85 14.31 16.56
N MET B 298 14.27 14.09 17.74
CA MET B 298 15.02 14.27 18.98
C MET B 298 16.16 13.28 19.10
N ILE B 299 15.94 12.04 18.65
CA ILE B 299 16.99 11.04 18.70
C ILE B 299 18.06 11.32 17.65
N LEU B 300 17.64 11.74 16.46
CA LEU B 300 18.61 12.17 15.45
C LEU B 300 19.47 13.32 15.97
N GLU B 301 18.86 14.27 16.68
CA GLU B 301 19.61 15.35 17.29
C GLU B 301 20.52 14.84 18.40
N ASP B 302 20.05 13.85 19.16
CA ASP B 302 20.88 13.27 20.21
C ASP B 302 22.12 12.58 19.63
N LEU B 303 22.04 12.12 18.38
CA LEU B 303 23.14 11.43 17.74
C LEU B 303 24.09 12.38 17.02
N GLY B 304 23.81 13.68 17.01
CA GLY B 304 24.70 14.65 16.39
C GLY B 304 24.14 15.40 15.21
N VAL B 305 22.88 15.18 14.83
CA VAL B 305 22.29 15.94 13.72
C VAL B 305 21.80 17.27 14.25
N ASP B 306 22.63 18.31 14.14
CA ASP B 306 22.28 19.62 14.63
C ASP B 306 21.56 20.42 13.53
N GLN B 307 21.23 21.66 13.86
CA GLN B 307 20.47 22.51 12.92
C GLN B 307 21.15 22.68 11.57
N PRO B 308 22.46 22.93 11.46
CA PRO B 308 23.07 23.01 10.12
C PRO B 308 22.91 21.72 9.32
N LEU B 309 22.98 20.56 9.98
CA LEU B 309 22.76 19.30 9.27
C LEU B 309 21.32 19.16 8.81
N LEU B 310 20.36 19.59 9.64
CA LEU B 310 18.96 19.52 9.25
C LEU B 310 18.67 20.44 8.07
N ASP B 311 19.26 21.64 8.06
CA ASP B 311 19.07 22.55 6.94
C ASP B 311 19.62 21.94 5.66
N LEU B 312 20.78 21.27 5.74
CA LEU B 312 21.33 20.61 4.57
C LEU B 312 20.42 19.48 4.08
N ILE B 313 19.82 18.74 5.02
CA ILE B 313 18.94 17.63 4.64
C ILE B 313 17.66 18.17 4.01
N GLU B 314 17.04 19.16 4.67
CA GLU B 314 15.80 19.72 4.13
C GLU B 314 16.02 20.38 2.78
N CYS B 315 17.15 21.08 2.61
CA CYS B 315 17.45 21.71 1.34
C CYS B 315 17.73 20.69 0.25
N ALA B 316 18.49 19.64 0.58
CA ALA B 316 18.87 18.65 -0.43
C ALA B 316 17.66 17.91 -0.96
N PHE B 317 16.79 17.45 -0.05
CA PHE B 317 15.63 16.67 -0.47
C PHE B 317 14.47 17.53 -0.92
N GLY B 318 14.49 18.83 -0.61
CA GLY B 318 13.57 19.74 -1.26
C GLY B 318 13.87 19.90 -2.74
N GLU B 319 15.13 19.80 -3.11
CA GLU B 319 15.51 19.79 -4.52
C GLU B 319 15.04 18.51 -5.22
N ILE B 320 14.94 17.42 -4.47
CA ILE B 320 14.47 16.17 -5.05
C ILE B 320 13.01 16.28 -5.47
N SER B 321 12.20 16.96 -4.66
CA SER B 321 10.81 17.19 -5.01
C SER B 321 10.66 18.14 -6.20
N SER B 322 11.68 18.94 -6.49
CA SER B 322 11.65 19.83 -7.66
C SER B 322 12.03 19.11 -8.94
N THR B 323 12.38 17.82 -8.87
CA THR B 323 12.62 17.00 -10.04
C THR B 323 11.39 16.17 -10.42
N HIS B 324 10.21 16.65 -10.07
CA HIS B 324 8.96 15.95 -10.39
C HIS B 324 8.82 15.74 -11.89
N LEU B 325 8.88 16.84 -12.65
CA LEU B 325 8.79 16.80 -14.10
C LEU B 325 10.11 17.27 -14.73
N PRO B 326 10.51 16.69 -15.87
CA PRO B 326 9.81 15.63 -16.61
C PRO B 326 9.98 14.26 -15.96
N THR B 327 9.05 13.35 -16.23
CA THR B 327 9.03 12.07 -15.54
C THR B 327 9.97 11.06 -16.17
N GLY B 328 10.06 11.04 -17.50
CA GLY B 328 10.74 9.97 -18.18
C GLY B 328 9.83 8.75 -18.29
N THR B 329 10.44 7.63 -18.67
CA THR B 329 9.70 6.38 -18.82
C THR B 329 9.85 5.44 -17.63
N ARG B 330 10.78 5.72 -16.72
CA ARG B 330 11.01 4.85 -15.57
C ARG B 330 11.71 5.66 -14.49
N PHE B 331 11.68 5.11 -13.27
CA PHE B 331 12.42 5.71 -12.17
C PHE B 331 13.92 5.63 -12.45
N LYS B 332 14.64 6.71 -12.16
CA LYS B 332 16.08 6.74 -12.41
C LYS B 332 16.89 6.12 -11.29
N PHE B 333 16.33 6.03 -10.08
CA PHE B 333 17.01 5.43 -8.93
C PHE B 333 18.37 6.10 -8.69
N GLY B 334 18.34 7.42 -8.57
CA GLY B 334 19.57 8.17 -8.39
C GLY B 334 20.15 8.03 -7.00
N ALA B 335 21.38 8.52 -6.86
CA ALA B 335 22.06 8.44 -5.57
C ALA B 335 21.39 9.34 -4.53
N MET B 336 20.69 10.38 -4.97
CA MET B 336 20.02 11.27 -4.03
C MET B 336 18.79 10.60 -3.42
N MET B 337 18.06 9.81 -4.22
CA MET B 337 16.93 9.06 -3.70
C MET B 337 17.39 7.91 -2.82
N LYS B 338 18.59 7.37 -3.09
CA LYS B 338 19.12 6.30 -2.26
C LYS B 338 19.37 6.78 -0.83
N SER B 339 20.07 7.91 -0.69
CA SER B 339 20.38 8.43 0.64
C SER B 339 19.12 8.79 1.41
N GLY B 340 18.11 9.35 0.72
CA GLY B 340 16.86 9.65 1.39
C GLY B 340 16.11 8.40 1.84
N MET B 341 16.17 7.34 1.04
CA MET B 341 15.57 6.08 1.45
C MET B 341 16.34 5.46 2.61
N PHE B 342 17.67 5.60 2.61
CA PHE B 342 18.46 5.07 3.72
C PHE B 342 18.19 5.86 5.00
N LEU B 343 18.05 7.19 4.90
CA LEU B 343 17.72 7.98 6.08
C LEU B 343 16.34 7.64 6.61
N THR B 344 15.38 7.39 5.72
CA THR B 344 14.05 6.98 6.15
C THR B 344 14.09 5.63 6.84
N LEU B 345 14.85 4.67 6.28
CA LEU B 345 14.98 3.37 6.91
C LEU B 345 15.68 3.47 8.25
N PHE B 346 16.63 4.39 8.40
CA PHE B 346 17.35 4.55 9.66
C PHE B 346 16.40 5.03 10.76
N VAL B 347 15.60 6.06 10.47
CA VAL B 347 14.65 6.56 11.46
C VAL B 347 13.59 5.50 11.75
N ASN B 348 13.15 4.76 10.73
CA ASN B 348 12.17 3.70 10.95
C ASN B 348 12.73 2.63 11.86
N THR B 349 14.01 2.26 11.67
CA THR B 349 14.63 1.28 12.56
C THR B 349 14.71 1.80 13.99
N VAL B 350 15.04 3.09 14.15
CA VAL B 350 15.13 3.67 15.49
C VAL B 350 13.77 3.68 16.17
N LEU B 351 12.74 4.15 15.46
CA LEU B 351 11.40 4.19 16.03
C LEU B 351 10.89 2.79 16.33
N ASN B 352 11.32 1.78 15.56
CA ASN B 352 11.01 0.40 15.88
C ASN B 352 11.59 0.02 17.24
N VAL B 353 12.83 0.41 17.50
CA VAL B 353 13.45 0.15 18.79
C VAL B 353 12.74 0.93 19.89
N VAL B 354 12.29 2.15 19.58
CA VAL B 354 11.60 2.97 20.56
C VAL B 354 10.30 2.30 20.99
N ILE B 355 9.52 1.81 20.02
CA ILE B 355 8.25 1.15 20.33
C ILE B 355 8.51 -0.08 21.19
N ALA B 356 9.54 -0.86 20.86
CA ALA B 356 9.87 -2.03 21.67
C ALA B 356 10.30 -1.62 23.07
N SER B 357 11.01 -0.49 23.18
CA SER B 357 11.48 -0.03 24.49
C SER B 357 10.31 0.36 25.39
N ARG B 358 9.36 1.12 24.85
CA ARG B 358 8.23 1.58 25.67
C ARG B 358 7.28 0.45 26.00
N VAL B 359 7.11 -0.51 25.10
CA VAL B 359 6.16 -1.59 25.33
C VAL B 359 6.75 -2.67 26.23
N LEU B 360 7.99 -3.09 25.95
CA LEU B 360 8.59 -4.20 26.68
C LEU B 360 9.26 -3.78 27.96
N GLU B 361 9.83 -2.57 28.02
CA GLU B 361 10.48 -2.01 29.21
C GLU B 361 11.67 -2.90 29.57
N GLU B 362 11.77 -3.41 30.80
CA GLU B 362 12.95 -4.15 31.22
C GLU B 362 13.09 -5.47 30.48
N ARG B 363 11.98 -6.03 29.97
CA ARG B 363 12.05 -7.29 29.24
C ARG B 363 12.83 -7.16 27.94
N LEU B 364 12.94 -5.95 27.39
CA LEU B 364 13.83 -5.74 26.26
C LEU B 364 15.28 -5.63 26.72
N LYS B 365 15.51 -5.00 27.88
CA LYS B 365 16.86 -4.86 28.40
C LYS B 365 17.45 -6.21 28.79
N THR B 366 16.63 -7.09 29.39
CA THR B 366 17.10 -8.39 29.85
C THR B 366 17.03 -9.47 28.78
N SER B 367 16.44 -9.17 27.62
CA SER B 367 16.41 -10.14 26.54
C SER B 367 17.81 -10.42 26.02
N ARG B 368 18.11 -11.70 25.78
CA ARG B 368 19.45 -12.08 25.36
C ARG B 368 19.75 -11.74 23.91
N CYS B 369 18.72 -11.49 23.10
CA CYS B 369 18.93 -11.17 21.69
C CYS B 369 17.67 -10.51 21.14
N ALA B 370 17.80 -9.28 20.66
CA ALA B 370 16.73 -8.57 19.98
C ALA B 370 17.28 -7.99 18.69
N ALA B 371 16.64 -8.33 17.58
CA ALA B 371 17.06 -7.88 16.26
C ALA B 371 16.03 -6.91 15.68
N PHE B 372 16.52 -5.83 15.08
CA PHE B 372 15.67 -4.79 14.51
C PHE B 372 16.21 -4.36 13.17
N ILE B 373 15.30 -4.14 12.21
CA ILE B 373 15.63 -3.47 10.96
C ILE B 373 14.34 -3.03 10.28
N GLY B 374 14.26 -1.76 9.92
CA GLY B 374 13.02 -1.23 9.36
C GLY B 374 11.91 -1.35 10.37
N ASP B 375 10.83 -2.02 9.97
CA ASP B 375 9.70 -2.26 10.85
C ASP B 375 9.70 -3.66 11.47
N ASP B 376 10.63 -4.53 11.06
CA ASP B 376 10.68 -5.90 11.54
C ASP B 376 11.49 -5.99 12.82
N ASN B 377 11.10 -6.93 13.69
CA ASN B 377 11.78 -7.12 14.95
C ASN B 377 11.48 -8.50 15.51
N ILE B 378 12.44 -9.05 16.24
CA ILE B 378 12.27 -10.27 17.02
C ILE B 378 12.99 -10.09 18.34
N ILE B 379 12.33 -10.46 19.44
CA ILE B 379 12.88 -10.33 20.78
C ILE B 379 12.84 -11.70 21.43
N HIS B 380 14.01 -12.19 21.86
CA HIS B 380 14.13 -13.54 22.39
C HIS B 380 13.66 -13.61 23.83
N GLY B 381 12.97 -14.71 24.15
CA GLY B 381 12.67 -15.04 25.53
C GLY B 381 11.66 -14.15 26.21
N VAL B 382 10.73 -13.55 25.46
CA VAL B 382 9.71 -12.67 26.01
C VAL B 382 8.34 -13.19 25.60
N VAL B 383 7.42 -13.25 26.56
CA VAL B 383 6.04 -13.66 26.31
C VAL B 383 5.13 -12.51 26.74
N SER B 384 4.15 -12.19 25.90
CA SER B 384 3.22 -11.12 26.20
C SER B 384 2.34 -11.48 27.39
N ASP B 385 1.94 -10.46 28.14
CA ASP B 385 1.04 -10.63 29.28
C ASP B 385 -0.02 -9.53 29.22
N LYS B 386 -0.77 -9.40 30.31
CA LYS B 386 -1.81 -8.38 30.35
C LYS B 386 -1.22 -6.97 30.41
N GLU B 387 -0.20 -6.77 31.24
CA GLU B 387 0.39 -5.45 31.40
C GLU B 387 1.07 -4.97 30.12
N MET B 388 1.60 -5.88 29.32
CA MET B 388 2.25 -5.49 28.07
C MET B 388 1.23 -5.11 27.01
N ALA B 389 0.11 -5.84 26.95
CA ALA B 389 -0.90 -5.59 25.93
C ALA B 389 -1.63 -4.28 26.19
N GLU B 390 -1.88 -3.95 27.46
CA GLU B 390 -2.61 -2.72 27.77
C GLU B 390 -1.75 -1.49 27.50
N ARG B 391 -0.44 -1.57 27.76
CA ARG B 391 0.44 -0.46 27.42
C ARG B 391 0.47 -0.22 25.92
N CYS B 392 0.52 -1.30 25.13
CA CYS B 392 0.50 -1.15 23.68
C CYS B 392 -0.85 -0.67 23.17
N ALA B 393 -1.94 -1.06 23.83
CA ALA B 393 -3.27 -0.67 23.39
C ALA B 393 -3.61 0.76 23.80
N THR B 394 -3.15 1.19 24.97
CA THR B 394 -3.43 2.55 25.41
C THR B 394 -2.60 3.57 24.61
N TRP B 395 -1.38 3.20 24.26
CA TRP B 395 -0.46 4.13 23.61
C TRP B 395 -0.74 4.26 22.11
N LEU B 396 -0.67 3.14 21.39
CA LEU B 396 -0.80 3.15 19.93
C LEU B 396 -2.20 2.78 19.44
N ASN B 397 -3.12 2.46 20.35
CA ASN B 397 -4.53 2.21 20.02
C ASN B 397 -4.67 1.04 19.05
N MET B 398 -4.09 -0.10 19.43
CA MET B 398 -4.26 -1.37 18.72
C MET B 398 -3.85 -1.27 17.25
N GLU B 399 -2.93 -0.36 16.93
CA GLU B 399 -2.31 -0.34 15.62
C GLU B 399 -1.05 -1.20 15.57
N VAL B 400 -0.53 -1.62 16.72
CA VAL B 400 0.64 -2.49 16.79
C VAL B 400 0.23 -3.73 17.57
N LYS B 401 0.47 -4.90 16.98
CA LYS B 401 0.04 -6.17 17.55
C LYS B 401 1.26 -6.96 18.02
N ILE B 402 1.13 -7.57 19.19
CA ILE B 402 2.20 -8.37 19.78
C ILE B 402 1.93 -9.83 19.44
N ILE B 403 2.92 -10.48 18.83
CA ILE B 403 2.80 -11.84 18.34
C ILE B 403 3.73 -12.73 19.16
N ASP B 404 3.19 -13.82 19.69
CA ASP B 404 3.96 -14.80 20.45
C ASP B 404 4.34 -15.95 19.54
N ALA B 405 5.62 -16.32 19.57
CA ALA B 405 6.13 -17.42 18.76
C ALA B 405 7.05 -18.29 19.59
N VAL B 406 7.21 -19.54 19.17
CA VAL B 406 8.09 -20.51 19.82
C VAL B 406 8.84 -21.28 18.75
N ILE B 407 10.15 -21.42 18.93
CA ILE B 407 10.95 -22.17 17.97
C ILE B 407 10.54 -23.64 18.02
N GLY B 408 10.04 -24.14 16.89
CA GLY B 408 9.61 -25.52 16.75
C GLY B 408 8.11 -25.71 16.72
N GLU B 409 7.37 -24.82 17.38
CA GLU B 409 5.92 -24.92 17.43
C GLU B 409 5.27 -23.91 16.48
N ARG B 410 5.20 -22.65 16.91
CA ARG B 410 4.75 -21.59 16.03
C ARG B 410 5.97 -20.81 15.57
N PRO B 411 6.38 -20.91 14.31
CA PRO B 411 7.69 -20.37 13.90
C PRO B 411 7.71 -18.86 13.94
N PRO B 412 8.75 -18.26 14.50
CA PRO B 412 8.89 -16.80 14.43
C PRO B 412 9.17 -16.35 13.00
N TYR B 413 8.70 -15.15 12.69
CA TYR B 413 8.82 -14.58 11.35
C TYR B 413 9.67 -13.32 11.41
N PHE B 414 10.59 -13.19 10.46
CA PHE B 414 11.50 -12.05 10.45
C PHE B 414 11.95 -11.78 9.02
N CYS B 415 11.56 -10.62 8.49
CA CYS B 415 12.00 -10.15 7.17
C CYS B 415 11.66 -11.17 6.08
N GLY B 416 10.40 -11.59 6.05
CA GLY B 416 9.96 -12.55 5.06
C GLY B 416 10.65 -13.89 5.16
N GLY B 417 10.95 -14.33 6.38
CA GLY B 417 11.63 -15.60 6.58
C GLY B 417 11.26 -16.22 7.91
N PHE B 418 11.44 -17.54 7.97
CA PHE B 418 11.14 -18.31 9.17
C PHE B 418 12.40 -18.53 10.00
N ILE B 419 12.25 -18.47 11.31
CA ILE B 419 13.32 -18.84 12.24
C ILE B 419 13.10 -20.31 12.59
N LEU B 420 13.83 -21.19 11.90
CA LEU B 420 13.66 -22.63 12.02
C LEU B 420 14.90 -23.26 12.64
N GLN B 421 14.69 -24.38 13.32
CA GLN B 421 15.78 -25.20 13.85
C GLN B 421 16.06 -26.34 12.89
N ASP B 422 17.28 -26.38 12.37
CA ASP B 422 17.69 -27.48 11.50
C ASP B 422 17.60 -28.80 12.26
N SER B 423 16.84 -29.75 11.73
CA SER B 423 16.63 -31.02 12.42
C SER B 423 17.88 -31.89 12.48
N VAL B 424 18.90 -31.57 11.69
CA VAL B 424 20.13 -32.35 11.66
C VAL B 424 21.22 -31.75 12.54
N THR B 425 21.43 -30.43 12.43
CA THR B 425 22.44 -29.75 13.22
C THR B 425 21.91 -29.20 14.54
N SER B 426 20.59 -29.18 14.73
CA SER B 426 19.96 -28.72 15.98
C SER B 426 20.28 -27.25 16.28
N THR B 427 20.54 -26.47 15.23
CA THR B 427 20.81 -25.04 15.37
C THR B 427 19.79 -24.24 14.58
N ALA B 428 19.48 -23.04 15.07
CA ALA B 428 18.46 -22.20 14.46
C ALA B 428 19.07 -21.30 13.40
N CYS B 429 18.24 -20.94 12.42
CA CYS B 429 18.66 -20.07 11.32
C CYS B 429 17.42 -19.42 10.73
N ARG B 430 17.63 -18.53 9.77
CA ARG B 430 16.55 -17.89 9.04
C ARG B 430 16.45 -18.49 7.65
N VAL B 431 15.23 -18.89 7.27
CA VAL B 431 14.96 -19.48 5.96
C VAL B 431 13.87 -18.65 5.30
N ALA B 432 14.15 -18.18 4.08
CA ALA B 432 13.22 -17.30 3.39
C ALA B 432 11.89 -18.00 3.10
N ASP B 433 10.83 -17.21 3.06
CA ASP B 433 9.48 -17.74 2.87
C ASP B 433 9.31 -18.21 1.42
N PRO B 434 9.07 -19.50 1.18
CA PRO B 434 8.88 -19.96 -0.20
C PRO B 434 7.54 -19.54 -0.80
N LEU B 435 6.50 -19.40 0.02
CA LEU B 435 5.21 -18.96 -0.50
C LEU B 435 5.27 -17.50 -0.95
N LYS B 436 5.96 -16.65 -0.17
CA LYS B 436 6.11 -15.26 -0.57
C LYS B 436 6.93 -15.15 -1.85
N ARG B 437 7.98 -15.97 -1.98
CA ARG B 437 8.78 -15.97 -3.20
C ARG B 437 7.94 -16.38 -4.41
N LEU B 438 7.08 -17.40 -4.24
CA LEU B 438 6.21 -17.81 -5.33
C LEU B 438 5.28 -16.68 -5.74
N PHE B 439 4.70 -15.97 -4.77
CA PHE B 439 3.83 -14.84 -5.09
C PHE B 439 4.58 -13.79 -5.89
N LYS B 440 5.80 -13.44 -5.47
CA LYS B 440 6.56 -12.39 -6.13
C LYS B 440 6.96 -12.79 -7.55
N LEU B 441 7.15 -14.09 -7.81
CA LEU B 441 7.55 -14.53 -9.14
C LEU B 441 6.44 -14.37 -10.17
N GLY B 442 5.20 -14.11 -9.74
CA GLY B 442 4.10 -13.90 -10.66
C GLY B 442 3.96 -12.48 -11.17
N LYS B 443 4.87 -11.59 -10.81
CA LYS B 443 4.78 -10.21 -11.27
C LYS B 443 5.19 -10.13 -12.74
N PRO B 444 4.36 -9.54 -13.60
CA PRO B 444 4.78 -9.34 -15.00
C PRO B 444 5.94 -8.37 -15.07
N LEU B 445 6.94 -8.72 -15.88
CA LEU B 445 8.15 -7.93 -15.99
C LEU B 445 8.57 -7.83 -17.45
N PRO B 446 8.97 -6.64 -17.90
CA PRO B 446 9.51 -6.52 -19.26
C PRO B 446 10.83 -7.27 -19.39
N ALA B 447 11.21 -7.51 -20.64
CA ALA B 447 12.42 -8.27 -20.92
C ALA B 447 13.65 -7.52 -20.41
N ASP B 448 14.48 -8.23 -19.64
CA ASP B 448 15.71 -7.64 -19.09
C ASP B 448 16.67 -8.80 -18.85
N ASP B 449 17.57 -9.04 -19.81
CA ASP B 449 18.43 -10.21 -19.75
C ASP B 449 19.35 -10.18 -18.53
N GLU B 450 19.86 -8.99 -18.17
CA GLU B 450 20.80 -8.90 -17.06
C GLU B 450 20.07 -9.07 -15.73
N GLN B 451 18.95 -8.38 -15.55
CA GLN B 451 18.21 -8.51 -14.30
C GLN B 451 17.61 -9.89 -14.13
N ASP B 452 17.26 -10.56 -15.22
CA ASP B 452 16.73 -11.92 -15.13
C ASP B 452 17.77 -12.86 -14.51
N GLU B 453 19.03 -12.74 -14.91
CA GLU B 453 20.08 -13.56 -14.32
C GLU B 453 20.31 -13.21 -12.86
N ASP B 454 20.10 -11.94 -12.49
CA ASP B 454 20.22 -11.55 -11.08
C ASP B 454 19.14 -12.24 -10.24
N ARG B 455 17.91 -12.28 -10.74
CA ARG B 455 16.83 -12.91 -10.00
C ARG B 455 16.96 -14.43 -9.97
N ARG B 456 17.53 -15.01 -11.03
CA ARG B 456 17.71 -16.47 -11.05
C ARG B 456 18.78 -16.91 -10.07
N ARG B 457 19.91 -16.19 -10.01
CA ARG B 457 20.96 -16.54 -9.07
C ARG B 457 20.51 -16.31 -7.63
N ALA B 458 19.64 -15.32 -7.39
CA ALA B 458 19.08 -15.13 -6.06
C ALA B 458 18.16 -16.28 -5.68
N LEU B 459 17.34 -16.75 -6.63
CA LEU B 459 16.50 -17.90 -6.39
C LEU B 459 17.32 -19.16 -6.20
N LEU B 460 18.43 -19.28 -6.95
CA LEU B 460 19.34 -20.41 -6.78
C LEU B 460 19.88 -20.47 -5.36
N ASP B 461 20.22 -19.32 -4.78
CA ASP B 461 20.71 -19.29 -3.42
C ASP B 461 19.59 -19.60 -2.43
N GLU B 462 18.37 -19.14 -2.72
CA GLU B 462 17.25 -19.38 -1.82
C GLU B 462 16.88 -20.85 -1.76
N THR B 463 16.83 -21.52 -2.92
CA THR B 463 16.49 -22.94 -2.94
C THR B 463 17.56 -23.81 -2.29
N LYS B 464 18.80 -23.32 -2.22
CA LYS B 464 19.85 -24.08 -1.54
C LYS B 464 19.52 -24.23 -0.05
N ALA B 465 19.09 -23.15 0.59
CA ALA B 465 18.70 -23.23 1.99
C ALA B 465 17.45 -24.07 2.18
N TRP B 466 16.55 -24.08 1.18
CA TRP B 466 15.32 -24.84 1.31
C TRP B 466 15.57 -26.34 1.25
N PHE B 467 16.65 -26.77 0.60
CA PHE B 467 16.92 -28.18 0.38
C PHE B 467 18.03 -28.72 1.27
N ARG B 468 18.41 -27.99 2.33
CA ARG B 468 19.21 -28.58 3.38
C ARG B 468 18.42 -29.71 4.02
N VAL B 469 19.07 -30.88 4.14
CA VAL B 469 18.35 -32.09 4.55
C VAL B 469 17.70 -31.95 5.93
N GLY B 470 18.13 -30.99 6.73
CA GLY B 470 17.53 -30.72 8.01
C GLY B 470 16.54 -29.57 8.03
N ILE B 471 16.29 -28.93 6.88
CA ILE B 471 15.44 -27.75 6.82
C ILE B 471 14.15 -28.03 6.06
N THR B 472 14.22 -28.83 4.99
CA THR B 472 13.07 -29.03 4.10
C THR B 472 11.85 -29.51 4.87
N GLY B 473 12.03 -30.40 5.83
CA GLY B 473 10.93 -30.91 6.62
C GLY B 473 10.28 -29.85 7.49
N THR B 474 11.07 -29.21 8.36
CA THR B 474 10.53 -28.20 9.26
C THR B 474 10.04 -26.96 8.51
N LEU B 475 10.56 -26.70 7.31
CA LEU B 475 10.08 -25.57 6.53
C LEU B 475 8.67 -25.81 6.00
N ALA B 476 8.39 -27.04 5.57
CA ALA B 476 7.05 -27.36 5.08
C ALA B 476 6.02 -27.30 6.21
N VAL B 477 6.40 -27.73 7.42
CA VAL B 477 5.50 -27.63 8.56
C VAL B 477 5.27 -26.18 8.93
N ALA B 478 6.30 -25.34 8.79
CA ALA B 478 6.18 -23.93 9.15
C ALA B 478 5.24 -23.20 8.21
N VAL B 479 5.37 -23.45 6.90
CA VAL B 479 4.48 -22.81 5.93
C VAL B 479 3.04 -23.22 6.17
N THR B 480 2.82 -24.51 6.43
CA THR B 480 1.47 -24.99 6.72
C THR B 480 0.94 -24.40 8.01
N THR B 481 1.81 -24.23 9.02
CA THR B 481 1.35 -23.66 10.28
C THR B 481 0.99 -22.19 10.15
N ARG B 482 1.73 -21.46 9.32
CA ARG B 482 1.52 -20.02 9.20
C ARG B 482 0.34 -19.70 8.28
N TYR B 483 0.21 -20.41 7.17
CA TYR B 483 -0.77 -20.07 6.14
C TYR B 483 -1.91 -21.07 6.03
N GLU B 484 -1.87 -22.18 6.78
CA GLU B 484 -2.89 -23.22 6.71
C GLU B 484 -3.04 -23.75 5.29
N VAL B 485 -1.91 -23.97 4.62
CA VAL B 485 -1.91 -24.45 3.24
C VAL B 485 -1.40 -25.89 3.21
N ASP B 486 -1.42 -26.49 2.02
CA ASP B 486 -0.93 -27.85 1.85
C ASP B 486 0.59 -27.88 1.90
N ASN B 487 1.14 -29.08 1.72
CA ASN B 487 2.59 -29.25 1.72
C ASN B 487 3.23 -28.47 0.59
N ILE B 488 4.15 -27.56 0.94
CA ILE B 488 4.78 -26.69 -0.05
C ILE B 488 5.93 -27.36 -0.78
N THR B 489 6.31 -28.57 -0.39
CA THR B 489 7.45 -29.24 -1.01
C THR B 489 7.38 -29.31 -2.54
N PRO B 490 6.24 -29.60 -3.19
CA PRO B 490 6.23 -29.55 -4.65
C PRO B 490 6.58 -28.18 -5.22
N VAL B 491 6.27 -27.10 -4.50
CA VAL B 491 6.63 -25.77 -4.98
C VAL B 491 8.13 -25.56 -4.83
N LEU B 492 8.73 -26.09 -3.76
CA LEU B 492 10.18 -26.00 -3.59
C LEU B 492 10.91 -26.62 -4.77
N LEU B 493 10.46 -27.80 -5.20
CA LEU B 493 11.08 -28.46 -6.35
C LEU B 493 10.85 -27.66 -7.63
N ALA B 494 9.65 -27.09 -7.78
CA ALA B 494 9.34 -26.31 -8.98
C ALA B 494 10.21 -25.06 -9.06
N LEU B 495 10.38 -24.35 -7.93
CA LEU B 495 11.24 -23.18 -7.93
C LEU B 495 12.69 -23.53 -8.16
N ARG B 496 13.12 -24.71 -7.70
CA ARG B 496 14.48 -25.17 -7.99
C ARG B 496 14.66 -25.46 -9.48
N THR B 497 13.59 -25.93 -10.14
CA THR B 497 13.68 -26.17 -11.57
C THR B 497 13.89 -24.87 -12.34
N PHE B 498 13.18 -23.81 -11.94
CA PHE B 498 13.34 -22.52 -12.62
C PHE B 498 14.75 -21.96 -12.41
N ALA B 499 15.33 -22.19 -11.23
CA ALA B 499 16.63 -21.63 -10.88
C ALA B 499 17.80 -22.40 -11.47
N GLN B 500 17.56 -23.57 -12.08
CA GLN B 500 18.67 -24.41 -12.50
C GLN B 500 19.40 -23.82 -13.69
N SER B 501 18.69 -23.16 -14.61
CA SER B 501 19.33 -22.65 -15.82
C SER B 501 18.57 -21.44 -16.32
N LYS B 502 19.22 -20.69 -17.22
CA LYS B 502 18.59 -19.53 -17.84
C LYS B 502 17.41 -19.95 -18.71
N ARG B 503 17.56 -21.06 -19.44
CA ARG B 503 16.47 -21.57 -20.27
C ARG B 503 15.29 -21.98 -19.41
N ALA B 504 15.55 -22.59 -18.26
CA ALA B 504 14.46 -23.00 -17.37
C ALA B 504 13.81 -21.80 -16.68
N PHE B 505 14.59 -20.74 -16.42
CA PHE B 505 14.04 -19.54 -15.79
C PHE B 505 13.11 -18.78 -16.71
N GLN B 506 13.22 -18.97 -18.02
CA GLN B 506 12.37 -18.25 -18.96
C GLN B 506 10.91 -18.68 -18.88
N ALA B 507 10.63 -19.87 -18.33
CA ALA B 507 9.26 -20.34 -18.23
C ALA B 507 8.42 -19.50 -17.27
N ILE B 508 9.06 -18.74 -16.38
CA ILE B 508 8.31 -17.88 -15.47
C ILE B 508 7.63 -16.76 -16.22
N ARG B 509 8.35 -16.11 -17.13
CA ARG B 509 7.75 -15.05 -17.94
C ARG B 509 6.99 -15.63 -19.13
N GLY B 510 7.54 -16.66 -19.77
CA GLY B 510 6.89 -17.29 -20.90
C GLY B 510 7.34 -16.72 -22.23
N GLU B 511 6.81 -17.32 -23.29
CA GLU B 511 7.14 -16.91 -24.65
C GLU B 511 6.47 -15.58 -24.97
N ILE B 512 7.28 -14.54 -25.18
CA ILE B 512 6.76 -13.23 -25.51
C ILE B 512 7.09 -12.87 -26.95
#